data_3QI3
#
_entry.id   3QI3
#
_cell.length_a   103.127
_cell.length_b   103.127
_cell.length_c   270.441
_cell.angle_alpha   90.00
_cell.angle_beta   90.00
_cell.angle_gamma   90.00
#
_symmetry.space_group_name_H-M   'P 41 21 2'
#
loop_
_entity.id
_entity.type
_entity.pdbx_description
1 polymer "High affinity cGMP-specific 3',5'-cyclic phosphodiesterase 9A"
2 non-polymer 1-(2-chlorophenyl)-6-[(2R)-3,3,3-trifluoro-2-methylpropyl]-1,7-dihydro-4H-pyrazolo[3,4-d]pyrimidin-4-one
3 non-polymer 'ZINC ION'
4 non-polymer 'MAGNESIUM ION'
5 water water
#
_entity_poly.entity_id   1
_entity_poly.type   'polypeptide(L)'
_entity_poly.pdbx_seq_one_letter_code
;MGSGSSSYRPKAIYLDIDGRIQKVIFSKYCNSSDIMDLFCIATGLPRNTTISLLTTDDAMVSIDPTMPANSERTPYKVRP
VAIKQLSEREELIQSVLAQVAEQFSRAFKINELKAEVANHLAVLEKRVELEGLKVVEIEKCKSDIKKMREELAARSSRTN
CPCKYSFLDNHKKLTPRRDVPTYPKYLLSPETIEALRKPTFDVWLWEPNEMLSCLEHMYHDLGLVRDFSINPVTLRRWLF
CVHDNYRNNPFHNFRHCFCVAQMMYSMVWLCSLQEKFSQTDILILMTAAICHDLDHPGYNNTYQINARTELAVRYNDISP
LENHHCAVAFQILAEPECNIFSNIPPDGFKQIRQGMITLILATDMARHAEIMDSFKEKMENFDYSNEEHMTLLKMILIKC
CDISNEVRPMEVAEPWVDCLLEEYFMQSDREKSEGLPVAPFMDRDKVTKATAEIGFIKFVLIPMFETVTKLFPMVEEIML
QPLWESRDRYEELKRIDDAMKELQKKTDSLTSGATEKSRERSRDVKNSEGDCA
;
_entity_poly.pdbx_strand_id   A,B
#
# COMPACT_ATOMS: atom_id res chain seq x y z
N PRO A 181 -29.72 33.68 -28.58
CA PRO A 181 -28.75 33.99 -29.66
C PRO A 181 -27.88 32.76 -30.02
N THR A 182 -26.55 32.96 -29.98
CA THR A 182 -25.56 31.91 -30.26
C THR A 182 -24.59 31.94 -29.08
N TYR A 183 -24.86 31.08 -28.11
CA TYR A 183 -24.09 30.98 -26.87
C TYR A 183 -22.65 30.47 -26.99
N PRO A 184 -21.79 30.79 -25.99
CA PRO A 184 -20.40 30.36 -25.98
C PRO A 184 -20.27 28.85 -25.75
N LYS A 185 -19.14 28.29 -26.16
CA LYS A 185 -18.88 26.86 -26.04
C LYS A 185 -19.15 26.25 -24.65
N TYR A 186 -18.76 26.95 -23.59
CA TYR A 186 -18.96 26.44 -22.23
C TYR A 186 -20.42 26.32 -21.79
N LEU A 187 -21.34 26.68 -22.68
CA LEU A 187 -22.78 26.55 -22.38
C LEU A 187 -23.26 25.40 -23.25
N LEU A 188 -23.34 24.23 -22.66
CA LEU A 188 -23.76 23.05 -23.39
C LEU A 188 -25.14 23.21 -24.01
N SER A 189 -25.27 22.82 -25.27
CA SER A 189 -26.56 22.91 -25.94
C SER A 189 -27.39 21.74 -25.42
N PRO A 190 -28.73 21.85 -25.49
CA PRO A 190 -29.57 20.75 -25.01
C PRO A 190 -29.36 19.42 -25.76
N GLU A 191 -28.78 19.50 -26.95
CA GLU A 191 -28.49 18.30 -27.73
C GLU A 191 -27.27 17.59 -27.12
N THR A 192 -26.30 18.37 -26.70
CA THR A 192 -25.09 17.83 -26.10
C THR A 192 -25.43 17.15 -24.77
N ILE A 193 -26.25 17.83 -23.97
CA ILE A 193 -26.67 17.30 -22.68
C ILE A 193 -27.36 15.96 -22.87
N GLU A 194 -28.14 15.84 -23.92
CA GLU A 194 -28.84 14.60 -24.20
C GLU A 194 -27.87 13.49 -24.59
N ALA A 195 -26.93 13.84 -25.47
CA ALA A 195 -25.94 12.89 -25.95
C ALA A 195 -25.00 12.39 -24.85
N LEU A 196 -24.69 13.27 -23.91
CA LEU A 196 -23.80 12.96 -22.81
C LEU A 196 -24.18 11.67 -22.07
N ARG A 197 -25.44 11.26 -22.18
CA ARG A 197 -25.93 10.06 -21.50
C ARG A 197 -25.64 8.74 -22.21
N LYS A 198 -25.26 8.83 -23.48
CA LYS A 198 -24.99 7.64 -24.28
C LYS A 198 -23.50 7.36 -24.44
N PRO A 199 -23.14 6.07 -24.50
CA PRO A 199 -21.74 5.65 -24.65
C PRO A 199 -21.18 5.97 -26.03
N THR A 200 -22.06 6.46 -26.91
CA THR A 200 -21.67 6.84 -28.27
C THR A 200 -21.20 8.30 -28.34
N PHE A 201 -21.17 8.99 -27.21
CA PHE A 201 -20.75 10.39 -27.16
C PHE A 201 -19.35 10.57 -27.76
N ASP A 202 -19.20 11.59 -28.61
CA ASP A 202 -17.91 11.85 -29.24
C ASP A 202 -17.08 12.71 -28.32
N VAL A 203 -16.17 12.06 -27.62
CA VAL A 203 -15.32 12.72 -26.64
C VAL A 203 -14.22 13.61 -27.24
N TRP A 204 -14.02 13.51 -28.55
CA TRP A 204 -12.98 14.29 -29.20
C TRP A 204 -13.37 15.69 -29.64
N LEU A 205 -14.67 15.94 -29.77
CA LEU A 205 -15.18 17.24 -30.21
C LEU A 205 -15.11 18.35 -29.19
N TRP A 206 -14.62 18.06 -27.99
CA TRP A 206 -14.63 19.09 -26.97
C TRP A 206 -13.31 19.56 -26.42
N GLU A 207 -13.31 20.83 -26.05
CA GLU A 207 -12.14 21.47 -25.47
C GLU A 207 -12.30 21.35 -23.97
N PRO A 208 -11.20 21.40 -23.21
CA PRO A 208 -11.26 21.29 -21.75
C PRO A 208 -12.44 22.01 -21.08
N ASN A 209 -12.76 23.20 -21.56
CA ASN A 209 -13.85 23.99 -20.99
C ASN A 209 -15.23 23.36 -21.17
N GLU A 210 -15.46 22.74 -22.32
CA GLU A 210 -16.74 22.10 -22.60
C GLU A 210 -16.81 20.80 -21.79
N MET A 211 -15.66 20.13 -21.68
CA MET A 211 -15.58 18.89 -20.93
C MET A 211 -15.82 19.20 -19.46
N LEU A 212 -15.20 20.27 -18.97
CA LEU A 212 -15.40 20.66 -17.59
C LEU A 212 -16.87 20.93 -17.33
N SER A 213 -17.54 21.59 -18.27
CA SER A 213 -18.96 21.88 -18.13
C SER A 213 -19.79 20.60 -18.08
N CYS A 214 -19.41 19.62 -18.88
CA CYS A 214 -20.10 18.34 -18.93
C CYS A 214 -20.01 17.63 -17.58
N LEU A 215 -18.82 17.61 -17.00
CA LEU A 215 -18.62 16.96 -15.72
C LEU A 215 -19.49 17.64 -14.67
N GLU A 216 -19.51 18.96 -14.70
CA GLU A 216 -20.33 19.74 -13.77
C GLU A 216 -21.79 19.34 -13.94
N HIS A 217 -22.25 19.30 -15.18
CA HIS A 217 -23.64 18.91 -15.43
C HIS A 217 -23.96 17.55 -14.83
N MET A 218 -23.01 16.63 -14.94
CA MET A 218 -23.21 15.29 -14.43
C MET A 218 -23.49 15.28 -12.92
N TYR A 219 -22.74 16.07 -12.18
CA TYR A 219 -22.93 16.14 -10.74
C TYR A 219 -24.28 16.70 -10.33
N HIS A 220 -24.80 17.64 -11.12
CA HIS A 220 -26.12 18.22 -10.84
C HIS A 220 -27.18 17.21 -11.28
N ASP A 221 -27.01 16.67 -12.48
CA ASP A 221 -27.98 15.73 -13.03
C ASP A 221 -28.21 14.46 -12.20
N LEU A 222 -27.13 13.91 -11.64
CA LEU A 222 -27.22 12.70 -10.83
C LEU A 222 -27.78 12.98 -9.44
N GLY A 223 -27.90 14.26 -9.10
CA GLY A 223 -28.43 14.63 -7.80
C GLY A 223 -27.41 14.70 -6.70
N LEU A 224 -26.13 14.71 -7.07
CA LEU A 224 -25.07 14.76 -6.06
C LEU A 224 -24.93 16.13 -5.40
N VAL A 225 -25.00 17.19 -6.20
CA VAL A 225 -24.91 18.56 -5.68
C VAL A 225 -26.03 18.74 -4.66
N ARG A 226 -27.21 18.26 -5.02
CA ARG A 226 -28.38 18.32 -4.18
C ARG A 226 -28.22 17.52 -2.88
N ASP A 227 -28.00 16.22 -2.99
CA ASP A 227 -27.87 15.35 -1.82
C ASP A 227 -26.64 15.48 -0.92
N PHE A 228 -25.58 16.11 -1.39
CA PHE A 228 -24.40 16.27 -0.55
C PHE A 228 -24.08 17.74 -0.33
N SER A 229 -25.03 18.60 -0.69
CA SER A 229 -24.89 20.04 -0.51
C SER A 229 -23.59 20.59 -1.05
N ILE A 230 -23.17 20.11 -2.22
CA ILE A 230 -21.94 20.60 -2.80
C ILE A 230 -22.19 22.04 -3.23
N ASN A 231 -21.30 22.95 -2.87
CA ASN A 231 -21.44 24.32 -3.28
C ASN A 231 -21.17 24.33 -4.78
N PRO A 232 -22.15 24.74 -5.59
CA PRO A 232 -21.97 24.77 -7.04
C PRO A 232 -20.69 25.46 -7.55
N VAL A 233 -20.23 26.49 -6.85
CA VAL A 233 -19.01 27.17 -7.27
C VAL A 233 -17.79 26.33 -6.90
N THR A 234 -17.82 25.72 -5.73
CA THR A 234 -16.71 24.87 -5.32
C THR A 234 -16.57 23.72 -6.33
N LEU A 235 -17.71 23.18 -6.77
CA LEU A 235 -17.70 22.10 -7.74
C LEU A 235 -16.90 22.50 -8.96
N ARG A 236 -17.09 23.72 -9.45
CA ARG A 236 -16.36 24.17 -10.62
C ARG A 236 -14.88 24.42 -10.33
N ARG A 237 -14.58 25.05 -9.19
CA ARG A 237 -13.18 25.28 -8.83
C ARG A 237 -12.48 23.93 -8.71
N TRP A 238 -13.16 22.96 -8.13
CA TRP A 238 -12.58 21.61 -7.97
C TRP A 238 -12.28 20.96 -9.31
N LEU A 239 -13.24 21.00 -10.22
CA LEU A 239 -13.06 20.42 -11.54
C LEU A 239 -11.90 21.09 -12.26
N PHE A 240 -11.76 22.39 -12.06
CA PHE A 240 -10.68 23.14 -12.69
C PHE A 240 -9.33 22.71 -12.12
N CYS A 241 -9.28 22.52 -10.82
CA CYS A 241 -8.06 22.11 -10.15
C CYS A 241 -7.68 20.69 -10.58
N VAL A 242 -8.69 19.82 -10.69
CA VAL A 242 -8.44 18.45 -11.13
C VAL A 242 -7.82 18.50 -12.52
N HIS A 243 -8.42 19.31 -13.39
CA HIS A 243 -7.92 19.47 -14.75
C HIS A 243 -6.47 19.91 -14.75
N ASP A 244 -6.18 20.93 -13.95
CA ASP A 244 -4.83 21.46 -13.85
C ASP A 244 -3.83 20.39 -13.45
N ASN A 245 -4.30 19.39 -12.69
CA ASN A 245 -3.42 18.33 -12.21
C ASN A 245 -3.24 17.11 -13.09
N TYR A 246 -3.87 17.11 -14.26
CA TYR A 246 -3.67 16.02 -15.19
C TYR A 246 -2.55 16.54 -16.11
N ARG A 247 -1.63 15.65 -16.50
CA ARG A 247 -0.54 16.07 -17.37
C ARG A 247 -0.89 15.96 -18.85
N ASN A 248 -0.02 16.50 -19.70
CA ASN A 248 -0.24 16.46 -21.14
C ASN A 248 0.33 15.23 -21.80
N ASN A 249 -0.07 14.06 -21.31
CA ASN A 249 0.38 12.82 -21.89
C ASN A 249 -0.48 12.55 -23.09
N PRO A 250 -0.03 11.64 -23.97
CA PRO A 250 -0.87 11.37 -25.14
C PRO A 250 -2.12 10.57 -24.79
N PHE A 251 -2.06 9.75 -23.74
CA PHE A 251 -3.22 8.96 -23.33
C PHE A 251 -3.74 9.32 -21.95
N HIS A 252 -2.87 9.21 -20.95
CA HIS A 252 -3.24 9.49 -19.57
C HIS A 252 -3.32 10.97 -19.27
N ASN A 253 -4.34 11.59 -19.85
CA ASN A 253 -4.57 13.01 -19.70
C ASN A 253 -6.01 13.30 -19.28
N PHE A 254 -6.31 14.57 -19.13
CA PHE A 254 -7.63 14.99 -18.72
C PHE A 254 -8.75 14.49 -19.63
N ARG A 255 -8.48 14.31 -20.92
CA ARG A 255 -9.54 13.82 -21.78
C ARG A 255 -9.84 12.35 -21.49
N HIS A 256 -8.84 11.59 -21.04
CA HIS A 256 -9.08 10.18 -20.72
C HIS A 256 -9.98 10.18 -19.48
N CYS A 257 -9.65 11.07 -18.56
CA CYS A 257 -10.40 11.25 -17.34
C CYS A 257 -11.86 11.58 -17.64
N PHE A 258 -12.10 12.40 -18.66
CA PHE A 258 -13.46 12.74 -19.04
C PHE A 258 -14.17 11.51 -19.60
N CYS A 259 -13.46 10.72 -20.43
CA CYS A 259 -14.03 9.50 -21.01
C CYS A 259 -14.57 8.52 -19.95
N VAL A 260 -13.71 8.23 -18.97
CA VAL A 260 -14.05 7.31 -17.91
C VAL A 260 -15.27 7.82 -17.13
N ALA A 261 -15.22 9.08 -16.71
CA ALA A 261 -16.33 9.68 -15.99
C ALA A 261 -17.60 9.65 -16.83
N GLN A 262 -17.47 9.95 -18.12
CA GLN A 262 -18.63 9.97 -19.01
C GLN A 262 -19.19 8.58 -19.27
N MET A 263 -18.32 7.56 -19.32
CA MET A 263 -18.78 6.19 -19.53
C MET A 263 -19.48 5.74 -18.25
N MET A 264 -18.94 6.18 -17.11
CA MET A 264 -19.52 5.83 -15.83
C MET A 264 -20.93 6.40 -15.76
N TYR A 265 -21.02 7.68 -16.13
CA TYR A 265 -22.28 8.41 -16.14
C TYR A 265 -23.26 7.68 -17.07
N SER A 266 -22.77 7.24 -18.22
CA SER A 266 -23.62 6.52 -19.16
C SER A 266 -24.10 5.21 -18.55
N MET A 267 -23.20 4.52 -17.87
CA MET A 267 -23.55 3.25 -17.24
C MET A 267 -24.63 3.42 -16.19
N VAL A 268 -24.59 4.54 -15.47
CA VAL A 268 -25.59 4.80 -14.45
C VAL A 268 -26.99 4.72 -15.07
N TRP A 269 -27.17 5.33 -16.23
CA TRP A 269 -28.48 5.34 -16.89
C TRP A 269 -28.79 4.03 -17.61
N LEU A 270 -27.80 3.49 -18.31
CA LEU A 270 -27.99 2.24 -19.03
C LEU A 270 -28.44 1.13 -18.08
N CYS A 271 -27.74 1.00 -16.96
CA CYS A 271 -28.05 -0.04 -15.99
C CYS A 271 -28.98 0.40 -14.84
N SER A 272 -29.48 1.63 -14.90
CA SER A 272 -30.37 2.13 -13.85
C SER A 272 -29.72 1.90 -12.49
N LEU A 273 -28.47 2.32 -12.37
CA LEU A 273 -27.72 2.13 -11.15
C LEU A 273 -28.27 2.82 -9.90
N GLN A 274 -29.06 3.87 -10.07
CA GLN A 274 -29.60 4.58 -8.92
C GLN A 274 -30.73 3.83 -8.22
N GLU A 275 -31.04 2.65 -8.73
CA GLU A 275 -32.06 1.82 -8.11
C GLU A 275 -31.35 0.76 -7.29
N LYS A 276 -30.07 0.57 -7.57
CA LYS A 276 -29.28 -0.43 -6.88
C LYS A 276 -28.25 0.17 -5.92
N PHE A 277 -27.83 1.40 -6.19
CA PHE A 277 -26.83 2.06 -5.36
C PHE A 277 -27.36 3.29 -4.65
N SER A 278 -26.74 3.61 -3.52
CA SER A 278 -27.12 4.79 -2.77
C SER A 278 -26.44 5.96 -3.47
N GLN A 279 -26.81 7.17 -3.09
CA GLN A 279 -26.21 8.35 -3.68
C GLN A 279 -24.74 8.43 -3.27
N THR A 280 -24.41 7.89 -2.11
CA THR A 280 -23.03 7.90 -1.65
C THR A 280 -22.17 7.04 -2.57
N ASP A 281 -22.69 5.87 -2.97
CA ASP A 281 -21.95 5.00 -3.87
C ASP A 281 -21.75 5.72 -5.21
N ILE A 282 -22.84 6.25 -5.77
CA ILE A 282 -22.77 6.96 -7.03
C ILE A 282 -21.71 8.07 -6.95
N LEU A 283 -21.68 8.79 -5.83
CA LEU A 283 -20.71 9.86 -5.65
C LEU A 283 -19.31 9.26 -5.67
N ILE A 284 -19.15 8.13 -5.00
CA ILE A 284 -17.86 7.46 -4.96
C ILE A 284 -17.42 7.06 -6.37
N LEU A 285 -18.33 6.43 -7.11
CA LEU A 285 -18.03 6.00 -8.47
C LEU A 285 -17.64 7.15 -9.38
N MET A 286 -18.45 8.22 -9.35
CA MET A 286 -18.20 9.37 -10.20
C MET A 286 -16.92 10.12 -9.82
N THR A 287 -16.69 10.37 -8.53
CA THR A 287 -15.49 11.10 -8.16
C THR A 287 -14.22 10.28 -8.40
N ALA A 288 -14.29 8.97 -8.19
CA ALA A 288 -13.13 8.11 -8.40
C ALA A 288 -12.80 8.04 -9.89
N ALA A 289 -13.82 7.98 -10.73
CA ALA A 289 -13.59 7.94 -12.18
C ALA A 289 -12.81 9.18 -12.58
N ILE A 290 -13.29 10.33 -12.14
CA ILE A 290 -12.67 11.61 -12.46
C ILE A 290 -11.24 11.73 -11.92
N CYS A 291 -11.00 11.22 -10.72
CA CYS A 291 -9.68 11.35 -10.11
C CYS A 291 -8.69 10.21 -10.34
N HIS A 292 -9.18 9.09 -10.85
CA HIS A 292 -8.35 7.90 -10.99
C HIS A 292 -6.96 7.92 -11.66
N ASP A 293 -6.66 8.93 -12.48
CA ASP A 293 -5.35 8.99 -13.13
C ASP A 293 -4.62 10.30 -12.90
N LEU A 294 -4.95 10.99 -11.81
CA LEU A 294 -4.30 12.26 -11.52
C LEU A 294 -2.78 12.24 -11.52
N ASP A 295 -2.20 13.22 -12.23
CA ASP A 295 -0.76 13.40 -12.31
C ASP A 295 -0.01 12.14 -12.76
N HIS A 296 -0.53 11.49 -13.79
CA HIS A 296 0.09 10.28 -14.33
C HIS A 296 1.33 10.73 -15.11
N PRO A 297 2.49 10.08 -14.88
CA PRO A 297 3.73 10.43 -15.56
C PRO A 297 3.85 10.00 -17.02
N GLY A 298 3.09 8.99 -17.43
CA GLY A 298 3.17 8.52 -18.80
C GLY A 298 3.95 7.22 -18.90
N TYR A 299 4.40 6.70 -17.75
CA TYR A 299 5.15 5.44 -17.67
C TYR A 299 4.47 4.59 -16.59
N ASN A 300 4.07 3.38 -16.93
CA ASN A 300 3.35 2.53 -15.98
C ASN A 300 4.12 2.05 -14.74
N ASN A 301 3.44 1.31 -13.86
CA ASN A 301 4.06 0.80 -12.63
C ASN A 301 5.33 -0.02 -12.89
N THR A 302 5.27 -0.90 -13.88
CA THR A 302 6.43 -1.73 -14.21
C THR A 302 7.67 -0.86 -14.42
N TYR A 303 7.52 0.27 -15.11
CA TYR A 303 8.66 1.13 -15.28
C TYR A 303 9.09 1.75 -13.94
N GLN A 304 8.12 2.29 -13.21
CA GLN A 304 8.40 2.92 -11.91
C GLN A 304 9.21 2.00 -11.02
N ILE A 305 8.75 0.75 -10.93
CA ILE A 305 9.39 -0.24 -10.10
C ILE A 305 10.77 -0.62 -10.61
N ASN A 306 10.85 -1.02 -11.88
CA ASN A 306 12.11 -1.42 -12.49
C ASN A 306 13.17 -0.31 -12.49
N ALA A 307 12.76 0.93 -12.64
CA ALA A 307 13.70 2.04 -12.66
C ALA A 307 13.96 2.59 -11.25
N ARG A 308 13.28 2.01 -10.27
CA ARG A 308 13.42 2.43 -8.87
C ARG A 308 13.24 3.93 -8.72
N THR A 309 12.20 4.45 -9.36
CA THR A 309 11.85 5.88 -9.33
C THR A 309 11.41 6.29 -7.93
N GLU A 310 11.28 7.61 -7.74
CA GLU A 310 10.85 8.13 -6.45
C GLU A 310 9.51 7.57 -6.01
N LEU A 311 8.59 7.38 -6.95
CA LEU A 311 7.27 6.84 -6.63
C LEU A 311 7.32 5.38 -6.16
N ALA A 312 8.08 4.56 -6.87
CA ALA A 312 8.18 3.15 -6.50
C ALA A 312 8.84 3.04 -5.14
N VAL A 313 9.77 3.95 -4.84
CA VAL A 313 10.43 3.92 -3.56
C VAL A 313 9.47 4.37 -2.46
N ARG A 314 8.69 5.40 -2.75
CA ARG A 314 7.73 5.94 -1.79
C ARG A 314 6.65 4.94 -1.40
N TYR A 315 6.16 4.19 -2.38
CA TYR A 315 5.10 3.23 -2.13
C TYR A 315 5.52 1.77 -2.09
N ASN A 316 6.80 1.52 -1.92
CA ASN A 316 7.31 0.15 -1.82
C ASN A 316 6.83 -0.83 -2.90
N ASP A 317 6.84 -0.39 -4.15
CA ASP A 317 6.43 -1.20 -5.31
C ASP A 317 4.99 -1.69 -5.26
N ILE A 318 4.17 -1.09 -4.41
CA ILE A 318 2.77 -1.48 -4.31
C ILE A 318 1.92 -0.47 -5.08
N SER A 319 1.43 -0.86 -6.25
CA SER A 319 0.62 0.01 -7.12
C SER A 319 1.00 1.47 -6.91
N PRO A 320 2.28 1.81 -7.13
CA PRO A 320 2.75 3.19 -6.95
C PRO A 320 1.95 4.30 -7.62
N LEU A 321 1.63 4.14 -8.90
CA LEU A 321 0.88 5.16 -9.62
C LEU A 321 -0.53 5.33 -9.00
N GLU A 322 -1.26 4.22 -8.85
CA GLU A 322 -2.60 4.32 -8.29
C GLU A 322 -2.58 4.98 -6.90
N ASN A 323 -1.61 4.60 -6.06
CA ASN A 323 -1.49 5.20 -4.73
C ASN A 323 -1.29 6.71 -4.85
N HIS A 324 -0.49 7.11 -5.84
CA HIS A 324 -0.19 8.52 -6.09
C HIS A 324 -1.43 9.27 -6.62
N HIS A 325 -2.16 8.68 -7.56
CA HIS A 325 -3.36 9.34 -8.09
C HIS A 325 -4.28 9.65 -6.90
N CYS A 326 -4.40 8.67 -6.01
CA CYS A 326 -5.23 8.80 -4.82
C CYS A 326 -4.78 9.93 -3.92
N ALA A 327 -3.49 9.92 -3.61
CA ALA A 327 -2.90 10.93 -2.75
C ALA A 327 -3.15 12.31 -3.34
N VAL A 328 -2.94 12.46 -4.64
CA VAL A 328 -3.15 13.76 -5.27
C VAL A 328 -4.62 14.15 -5.15
N ALA A 329 -5.50 13.19 -5.40
CA ALA A 329 -6.93 13.45 -5.31
C ALA A 329 -7.29 14.07 -3.97
N PHE A 330 -6.77 13.50 -2.88
CA PHE A 330 -7.11 14.01 -1.56
C PHE A 330 -6.33 15.22 -1.13
N GLN A 331 -5.22 15.51 -1.80
CA GLN A 331 -4.48 16.72 -1.46
C GLN A 331 -5.32 17.85 -2.05
N ILE A 332 -5.92 17.60 -3.20
CA ILE A 332 -6.75 18.58 -3.87
C ILE A 332 -7.98 18.88 -3.01
N LEU A 333 -8.69 17.83 -2.61
CA LEU A 333 -9.88 17.99 -1.79
C LEU A 333 -9.53 18.61 -0.42
N ALA A 334 -8.26 18.60 -0.06
CA ALA A 334 -7.84 19.17 1.22
C ALA A 334 -7.88 20.70 1.15
N GLU A 335 -7.78 21.23 -0.07
CA GLU A 335 -7.84 22.68 -0.28
C GLU A 335 -9.29 23.11 -0.12
N PRO A 336 -9.58 23.97 0.88
CA PRO A 336 -10.92 24.47 1.18
C PRO A 336 -11.73 24.96 -0.03
N GLU A 337 -11.09 25.73 -0.89
CA GLU A 337 -11.74 26.27 -2.08
C GLU A 337 -12.16 25.17 -3.06
N CYS A 338 -11.50 24.02 -2.99
CA CYS A 338 -11.81 22.89 -3.87
C CYS A 338 -12.48 21.72 -3.17
N ASN A 339 -12.78 21.86 -1.89
CA ASN A 339 -13.36 20.75 -1.16
C ASN A 339 -14.86 20.54 -1.38
N ILE A 340 -15.20 19.82 -2.44
CA ILE A 340 -16.61 19.56 -2.72
C ILE A 340 -17.31 18.76 -1.64
N PHE A 341 -16.55 18.29 -0.64
CA PHE A 341 -17.14 17.51 0.45
C PHE A 341 -17.27 18.30 1.75
N SER A 342 -16.93 19.58 1.74
CA SER A 342 -16.98 20.41 2.94
C SER A 342 -18.28 20.33 3.76
N ASN A 343 -19.41 20.02 3.13
CA ASN A 343 -20.67 19.94 3.86
C ASN A 343 -21.14 18.53 4.14
N ILE A 344 -20.24 17.57 4.04
CA ILE A 344 -20.62 16.21 4.34
C ILE A 344 -20.11 15.92 5.74
N PRO A 345 -20.97 15.34 6.60
CA PRO A 345 -20.48 15.04 7.95
C PRO A 345 -19.23 14.14 7.89
N PRO A 346 -18.34 14.24 8.88
CA PRO A 346 -17.11 13.44 8.95
C PRO A 346 -17.26 11.94 8.67
N ASP A 347 -18.31 11.32 9.20
CA ASP A 347 -18.53 9.89 8.97
C ASP A 347 -18.78 9.62 7.49
N GLY A 348 -19.47 10.55 6.82
CA GLY A 348 -19.74 10.40 5.40
C GLY A 348 -18.45 10.56 4.62
N PHE A 349 -17.65 11.55 5.01
CA PHE A 349 -16.38 11.80 4.36
C PHE A 349 -15.50 10.56 4.43
N LYS A 350 -15.38 9.97 5.62
CA LYS A 350 -14.55 8.78 5.78
C LYS A 350 -15.05 7.65 4.88
N GLN A 351 -16.36 7.45 4.84
CA GLN A 351 -16.92 6.41 4.02
C GLN A 351 -16.59 6.63 2.54
N ILE A 352 -16.72 7.89 2.11
CA ILE A 352 -16.44 8.28 0.73
C ILE A 352 -14.96 8.11 0.41
N ARG A 353 -14.12 8.57 1.32
CA ARG A 353 -12.66 8.46 1.15
C ARG A 353 -12.24 7.00 1.01
N GLN A 354 -12.72 6.16 1.91
CA GLN A 354 -12.42 4.74 1.88
C GLN A 354 -12.85 4.17 0.52
N GLY A 355 -14.09 4.51 0.12
CA GLY A 355 -14.62 4.04 -1.13
C GLY A 355 -13.82 4.47 -2.36
N MET A 356 -13.42 5.74 -2.40
CA MET A 356 -12.64 6.20 -3.53
C MET A 356 -11.27 5.54 -3.60
N ILE A 357 -10.63 5.40 -2.44
CA ILE A 357 -9.31 4.78 -2.39
C ILE A 357 -9.39 3.35 -2.92
N THR A 358 -10.42 2.63 -2.51
CA THR A 358 -10.60 1.25 -2.96
C THR A 358 -10.80 1.16 -4.47
N LEU A 359 -11.60 2.06 -5.04
CA LEU A 359 -11.86 2.03 -6.47
C LEU A 359 -10.63 2.43 -7.31
N ILE A 360 -9.94 3.49 -6.90
CA ILE A 360 -8.77 3.93 -7.65
C ILE A 360 -7.63 2.89 -7.62
N LEU A 361 -7.45 2.22 -6.49
CA LEU A 361 -6.40 1.20 -6.39
C LEU A 361 -6.78 -0.01 -7.23
N ALA A 362 -8.07 -0.22 -7.40
CA ALA A 362 -8.56 -1.36 -8.18
C ALA A 362 -8.32 -1.18 -9.68
N THR A 363 -7.91 0.01 -10.13
CA THR A 363 -7.67 0.19 -11.56
C THR A 363 -6.34 -0.36 -12.04
N ASP A 364 -5.43 -0.66 -11.10
CA ASP A 364 -4.13 -1.25 -11.45
C ASP A 364 -4.36 -2.60 -12.14
N MET A 365 -4.11 -2.68 -13.45
CA MET A 365 -4.33 -3.93 -14.19
C MET A 365 -3.55 -5.14 -13.67
N ALA A 366 -2.53 -4.92 -12.85
CA ALA A 366 -1.78 -6.03 -12.31
C ALA A 366 -2.72 -6.89 -11.49
N ARG A 367 -3.75 -6.26 -10.92
CA ARG A 367 -4.73 -6.96 -10.08
C ARG A 367 -5.95 -7.45 -10.84
N HIS A 368 -5.95 -7.27 -12.15
CA HIS A 368 -7.11 -7.65 -12.95
C HIS A 368 -7.63 -9.08 -12.78
N ALA A 369 -6.73 -10.06 -12.74
CA ALA A 369 -7.13 -11.46 -12.59
C ALA A 369 -7.73 -11.69 -11.20
N GLU A 370 -7.01 -11.20 -10.19
CA GLU A 370 -7.42 -11.27 -8.81
C GLU A 370 -8.86 -10.78 -8.66
N ILE A 371 -9.11 -9.55 -9.11
CA ILE A 371 -10.42 -8.92 -9.00
C ILE A 371 -11.50 -9.61 -9.82
N MET A 372 -11.17 -10.02 -11.03
CA MET A 372 -12.16 -10.71 -11.84
C MET A 372 -12.53 -12.04 -11.18
N ASP A 373 -11.56 -12.70 -10.56
CA ASP A 373 -11.86 -13.98 -9.91
C ASP A 373 -12.78 -13.75 -8.73
N SER A 374 -12.38 -12.84 -7.84
CA SER A 374 -13.18 -12.51 -6.66
C SER A 374 -14.62 -12.14 -7.06
N PHE A 375 -14.75 -11.34 -8.11
CA PHE A 375 -16.08 -10.93 -8.55
C PHE A 375 -16.88 -12.12 -9.05
N LYS A 376 -16.29 -12.92 -9.92
CA LYS A 376 -16.98 -14.09 -10.47
C LYS A 376 -17.36 -15.07 -9.35
N GLU A 377 -16.59 -15.07 -8.28
CA GLU A 377 -16.84 -15.94 -7.15
C GLU A 377 -18.16 -15.49 -6.52
N LYS A 378 -18.29 -14.19 -6.28
CA LYS A 378 -19.50 -13.60 -5.71
C LYS A 378 -20.66 -13.74 -6.69
N MET A 379 -20.34 -13.71 -7.97
CA MET A 379 -21.36 -13.79 -9.01
C MET A 379 -22.14 -15.12 -8.99
N GLU A 380 -21.59 -16.12 -8.32
CA GLU A 380 -22.26 -17.42 -8.22
C GLU A 380 -23.60 -17.29 -7.51
N ASN A 381 -23.79 -16.14 -6.85
CA ASN A 381 -25.01 -15.84 -6.13
C ASN A 381 -24.85 -14.41 -5.64
N PHE A 382 -25.02 -13.46 -6.56
CA PHE A 382 -24.85 -12.05 -6.21
C PHE A 382 -25.92 -11.51 -5.28
N ASP A 383 -25.47 -10.79 -4.25
CA ASP A 383 -26.37 -10.21 -3.27
C ASP A 383 -26.18 -8.70 -3.17
N TYR A 384 -27.15 -7.93 -3.69
CA TYR A 384 -27.06 -6.46 -3.66
C TYR A 384 -27.06 -5.85 -2.27
N SER A 385 -27.37 -6.64 -1.24
CA SER A 385 -27.39 -6.13 0.11
C SER A 385 -26.08 -6.47 0.83
N ASN A 386 -25.26 -7.32 0.21
CA ASN A 386 -23.99 -7.71 0.79
C ASN A 386 -22.96 -6.64 0.43
N GLU A 387 -22.41 -5.98 1.43
CA GLU A 387 -21.44 -4.91 1.23
C GLU A 387 -20.18 -5.31 0.46
N GLU A 388 -19.69 -6.53 0.68
CA GLU A 388 -18.51 -6.99 -0.02
C GLU A 388 -18.86 -7.19 -1.49
N HIS A 389 -20.07 -7.69 -1.73
CA HIS A 389 -20.53 -7.91 -3.08
C HIS A 389 -20.58 -6.58 -3.84
N MET A 390 -21.14 -5.57 -3.20
CA MET A 390 -21.26 -4.26 -3.82
C MET A 390 -19.92 -3.59 -4.03
N THR A 391 -18.97 -3.86 -3.14
CA THR A 391 -17.65 -3.27 -3.29
C THR A 391 -17.00 -3.79 -4.57
N LEU A 392 -17.02 -5.10 -4.76
CA LEU A 392 -16.45 -5.70 -5.94
C LEU A 392 -17.15 -5.24 -7.21
N LEU A 393 -18.47 -5.07 -7.14
CA LEU A 393 -19.20 -4.61 -8.31
C LEU A 393 -18.75 -3.20 -8.68
N LYS A 394 -18.50 -2.35 -7.70
CA LYS A 394 -18.07 -0.99 -8.00
C LYS A 394 -16.66 -0.98 -8.60
N MET A 395 -15.81 -1.89 -8.12
CA MET A 395 -14.45 -2.01 -8.65
C MET A 395 -14.52 -2.46 -10.11
N ILE A 396 -15.43 -3.37 -10.40
CA ILE A 396 -15.61 -3.86 -11.76
C ILE A 396 -16.18 -2.75 -12.62
N LEU A 397 -17.04 -1.93 -12.02
CA LEU A 397 -17.62 -0.82 -12.77
C LEU A 397 -16.57 0.20 -13.18
N ILE A 398 -15.70 0.59 -12.26
CA ILE A 398 -14.69 1.57 -12.60
C ILE A 398 -13.63 0.96 -13.53
N LYS A 399 -13.31 -0.32 -13.38
CA LYS A 399 -12.34 -0.95 -14.27
C LYS A 399 -12.95 -0.97 -15.66
N CYS A 400 -14.24 -1.26 -15.74
CA CYS A 400 -14.94 -1.29 -17.02
C CYS A 400 -14.83 0.04 -17.74
N CYS A 401 -15.12 1.12 -17.03
CA CYS A 401 -15.06 2.45 -17.60
C CYS A 401 -13.64 2.86 -17.96
N ASP A 402 -12.69 2.49 -17.12
CA ASP A 402 -11.30 2.82 -17.33
C ASP A 402 -10.76 2.33 -18.68
N ILE A 403 -11.12 1.12 -19.09
CA ILE A 403 -10.64 0.56 -20.35
C ILE A 403 -11.77 0.33 -21.35
N SER A 404 -12.74 1.23 -21.37
CA SER A 404 -13.91 1.08 -22.25
C SER A 404 -13.87 1.75 -23.61
N ASN A 405 -12.69 2.16 -24.07
CA ASN A 405 -12.61 2.82 -25.36
C ASN A 405 -13.24 2.02 -26.49
N GLU A 406 -12.86 0.76 -26.63
CA GLU A 406 -13.38 -0.08 -27.68
C GLU A 406 -14.90 -0.24 -27.71
N VAL A 407 -15.55 0.16 -26.62
CA VAL A 407 -17.01 0.08 -26.56
C VAL A 407 -17.62 1.22 -27.36
N ARG A 408 -16.88 2.34 -27.46
CA ARG A 408 -17.33 3.51 -28.19
C ARG A 408 -17.27 3.29 -29.70
N PRO A 409 -17.96 4.14 -30.48
CA PRO A 409 -17.95 4.01 -31.93
C PRO A 409 -16.50 3.95 -32.43
N MET A 410 -16.26 3.10 -33.42
CA MET A 410 -14.94 2.90 -33.98
C MET A 410 -14.18 4.21 -34.27
N GLU A 411 -14.88 5.22 -34.77
CA GLU A 411 -14.22 6.50 -35.07
C GLU A 411 -13.68 7.17 -33.81
N VAL A 412 -14.32 6.91 -32.68
CA VAL A 412 -13.92 7.49 -31.41
C VAL A 412 -12.85 6.65 -30.70
N ALA A 413 -12.97 5.33 -30.81
CA ALA A 413 -12.05 4.42 -30.14
C ALA A 413 -10.65 4.27 -30.70
N GLU A 414 -10.50 4.12 -32.02
CA GLU A 414 -9.16 3.94 -32.57
C GLU A 414 -8.13 5.00 -32.23
N PRO A 415 -8.50 6.29 -32.27
CA PRO A 415 -7.46 7.26 -31.94
C PRO A 415 -6.88 7.08 -30.51
N TRP A 416 -7.67 6.51 -29.61
CA TRP A 416 -7.20 6.28 -28.24
C TRP A 416 -6.12 5.20 -28.22
N VAL A 417 -6.31 4.15 -29.02
CA VAL A 417 -5.35 3.05 -29.09
C VAL A 417 -4.01 3.60 -29.53
N ASP A 418 -4.03 4.47 -30.54
CA ASP A 418 -2.80 5.06 -31.03
C ASP A 418 -2.16 5.95 -29.97
N CYS A 419 -2.99 6.66 -29.20
CA CYS A 419 -2.47 7.51 -28.13
C CYS A 419 -1.75 6.69 -27.08
N LEU A 420 -2.29 5.51 -26.77
CA LEU A 420 -1.69 4.65 -25.78
C LEU A 420 -0.35 4.09 -26.30
N LEU A 421 -0.36 3.59 -27.53
CA LEU A 421 0.84 3.05 -28.12
C LEU A 421 1.93 4.12 -28.15
N GLU A 422 1.52 5.37 -28.22
CA GLU A 422 2.47 6.47 -28.23
C GLU A 422 3.21 6.49 -26.89
N GLU A 423 2.47 6.29 -25.78
CA GLU A 423 3.09 6.27 -24.48
C GLU A 423 3.90 5.00 -24.28
N TYR A 424 3.36 3.89 -24.77
CA TYR A 424 4.04 2.61 -24.65
C TYR A 424 5.37 2.58 -25.39
N PHE A 425 5.41 3.19 -26.57
CA PHE A 425 6.63 3.21 -27.33
C PHE A 425 7.61 4.17 -26.65
N MET A 426 7.07 5.20 -26.01
CA MET A 426 7.89 6.15 -25.30
C MET A 426 8.57 5.45 -24.11
N GLN A 427 7.84 4.55 -23.47
CA GLN A 427 8.36 3.81 -22.32
C GLN A 427 9.38 2.74 -22.76
N SER A 428 8.98 1.89 -23.70
CA SER A 428 9.86 0.82 -24.19
C SER A 428 11.17 1.39 -24.72
N ASP A 429 11.11 2.59 -25.27
CA ASP A 429 12.29 3.27 -25.79
C ASP A 429 13.22 3.59 -24.64
N ARG A 430 12.67 4.30 -23.66
CA ARG A 430 13.42 4.70 -22.48
C ARG A 430 13.95 3.49 -21.71
N GLU A 431 13.17 2.42 -21.67
CA GLU A 431 13.58 1.21 -20.96
C GLU A 431 14.78 0.53 -21.64
N LYS A 432 14.82 0.57 -22.97
CA LYS A 432 15.93 -0.04 -23.68
C LYS A 432 17.23 0.74 -23.51
N SER A 433 17.14 2.06 -23.52
CA SER A 433 18.33 2.89 -23.36
C SER A 433 18.72 3.09 -21.91
N GLU A 434 18.12 2.29 -21.02
CA GLU A 434 18.43 2.37 -19.60
C GLU A 434 18.77 0.98 -19.09
N GLY A 435 18.62 -0.01 -19.96
CA GLY A 435 18.93 -1.37 -19.56
C GLY A 435 17.87 -2.07 -18.74
N LEU A 436 16.63 -1.59 -18.82
CA LEU A 436 15.53 -2.18 -18.06
C LEU A 436 14.72 -3.04 -19.04
N PRO A 437 14.14 -4.13 -18.54
CA PRO A 437 13.34 -5.01 -19.41
C PRO A 437 12.20 -4.29 -20.15
N VAL A 438 11.73 -4.88 -21.24
CA VAL A 438 10.66 -4.29 -22.02
C VAL A 438 9.50 -5.28 -22.15
N ALA A 439 8.30 -4.80 -21.88
CA ALA A 439 7.11 -5.63 -21.98
C ALA A 439 6.83 -5.87 -23.47
N PRO A 440 6.76 -7.15 -23.89
CA PRO A 440 6.49 -7.51 -25.28
C PRO A 440 5.38 -6.70 -25.95
N PHE A 441 4.28 -6.50 -25.23
CA PHE A 441 3.16 -5.74 -25.80
C PHE A 441 3.47 -4.27 -25.98
N MET A 442 4.66 -3.85 -25.55
CA MET A 442 5.08 -2.46 -25.70
C MET A 442 6.26 -2.38 -26.67
N ASP A 443 6.72 -3.55 -27.11
CA ASP A 443 7.83 -3.61 -28.03
C ASP A 443 7.34 -3.43 -29.45
N ARG A 444 7.79 -2.35 -30.07
CA ARG A 444 7.43 -2.00 -31.44
C ARG A 444 7.58 -3.18 -32.41
N ASP A 445 8.66 -3.92 -32.25
CA ASP A 445 8.98 -5.05 -33.11
C ASP A 445 8.24 -6.36 -32.79
N LYS A 446 7.17 -6.28 -32.00
CA LYS A 446 6.39 -7.46 -31.63
C LYS A 446 4.93 -7.06 -31.45
N VAL A 447 4.71 -5.80 -31.10
CA VAL A 447 3.36 -5.28 -30.85
C VAL A 447 2.63 -4.80 -32.08
N THR A 448 2.32 -5.71 -33.00
CA THR A 448 1.57 -5.26 -34.15
C THR A 448 0.26 -4.81 -33.48
N LYS A 449 -0.11 -3.54 -33.67
CA LYS A 449 -1.31 -3.00 -33.04
C LYS A 449 -2.52 -3.92 -33.13
N ALA A 450 -2.84 -4.35 -34.35
CA ALA A 450 -3.98 -5.22 -34.56
C ALA A 450 -3.93 -6.48 -33.71
N THR A 451 -2.80 -7.16 -33.71
CA THR A 451 -2.67 -8.40 -32.95
C THR A 451 -2.83 -8.18 -31.46
N ALA A 452 -2.30 -7.07 -30.95
CA ALA A 452 -2.42 -6.74 -29.54
C ALA A 452 -3.84 -6.35 -29.13
N GLU A 453 -4.51 -5.54 -29.95
CA GLU A 453 -5.88 -5.13 -29.65
C GLU A 453 -6.82 -6.32 -29.69
N ILE A 454 -6.58 -7.22 -30.63
CA ILE A 454 -7.42 -8.40 -30.75
C ILE A 454 -7.35 -9.20 -29.46
N GLY A 455 -6.13 -9.40 -28.97
CA GLY A 455 -5.94 -10.14 -27.74
C GLY A 455 -6.62 -9.45 -26.56
N PHE A 456 -6.38 -8.15 -26.42
CA PHE A 456 -6.96 -7.36 -25.34
C PHE A 456 -8.49 -7.46 -25.35
N ILE A 457 -9.08 -7.25 -26.52
CA ILE A 457 -10.53 -7.30 -26.66
C ILE A 457 -11.09 -8.69 -26.36
N LYS A 458 -10.41 -9.73 -26.84
CA LYS A 458 -10.86 -11.10 -26.65
C LYS A 458 -10.62 -11.73 -25.29
N PHE A 459 -9.55 -11.36 -24.61
CA PHE A 459 -9.28 -11.98 -23.32
C PHE A 459 -9.36 -11.10 -22.10
N VAL A 460 -9.68 -9.83 -22.29
CA VAL A 460 -9.81 -8.92 -21.16
C VAL A 460 -11.17 -8.23 -21.22
N LEU A 461 -11.42 -7.47 -22.28
CA LEU A 461 -12.68 -6.75 -22.42
C LEU A 461 -13.93 -7.61 -22.53
N ILE A 462 -14.00 -8.48 -23.51
CA ILE A 462 -15.19 -9.30 -23.68
C ILE A 462 -15.53 -10.16 -22.47
N PRO A 463 -14.55 -10.86 -21.89
CA PRO A 463 -14.84 -11.70 -20.72
C PRO A 463 -15.38 -10.85 -19.57
N MET A 464 -14.76 -9.69 -19.35
CA MET A 464 -15.20 -8.82 -18.26
C MET A 464 -16.64 -8.35 -18.47
N PHE A 465 -16.93 -7.67 -19.58
CA PHE A 465 -18.28 -7.19 -19.85
C PHE A 465 -19.30 -8.32 -19.95
N GLU A 466 -18.78 -9.52 -20.22
CA GLU A 466 -19.61 -10.70 -20.35
C GLU A 466 -20.23 -11.03 -18.98
N THR A 467 -19.38 -11.07 -17.96
CA THR A 467 -19.86 -11.37 -16.62
C THR A 467 -20.76 -10.24 -16.13
N VAL A 468 -20.40 -9.00 -16.43
CA VAL A 468 -21.21 -7.87 -16.00
C VAL A 468 -22.61 -7.96 -16.61
N THR A 469 -22.68 -8.55 -17.80
CA THR A 469 -23.95 -8.70 -18.50
C THR A 469 -24.92 -9.61 -17.75
N LYS A 470 -24.39 -10.61 -17.07
CA LYS A 470 -25.22 -11.53 -16.31
C LYS A 470 -25.97 -10.80 -15.21
N LEU A 471 -25.49 -9.62 -14.84
CA LEU A 471 -26.09 -8.80 -13.79
C LEU A 471 -26.99 -7.72 -14.41
N PHE A 472 -26.54 -7.14 -15.52
CA PHE A 472 -27.31 -6.13 -16.24
C PHE A 472 -27.34 -6.56 -17.70
N PRO A 473 -28.41 -7.28 -18.10
CA PRO A 473 -28.59 -7.79 -19.47
C PRO A 473 -28.53 -6.75 -20.59
N MET A 474 -28.96 -5.53 -20.32
CA MET A 474 -28.96 -4.48 -21.33
C MET A 474 -27.55 -4.13 -21.78
N VAL A 475 -26.56 -4.50 -20.98
CA VAL A 475 -25.18 -4.20 -21.31
C VAL A 475 -24.70 -4.97 -22.54
N GLU A 476 -25.34 -6.10 -22.83
CA GLU A 476 -24.94 -6.91 -23.97
C GLU A 476 -25.13 -6.19 -25.31
N GLU A 477 -26.32 -5.67 -25.54
CA GLU A 477 -26.61 -4.97 -26.79
C GLU A 477 -25.92 -3.62 -26.94
N ILE A 478 -25.72 -2.92 -25.83
CA ILE A 478 -25.10 -1.59 -25.87
C ILE A 478 -23.58 -1.53 -25.76
N MET A 479 -22.95 -2.56 -25.20
CA MET A 479 -21.50 -2.54 -25.05
C MET A 479 -20.76 -3.79 -25.49
N LEU A 480 -21.38 -4.95 -25.35
CA LEU A 480 -20.71 -6.18 -25.76
C LEU A 480 -20.78 -6.27 -27.28
N GLN A 481 -21.81 -5.66 -27.85
CA GLN A 481 -22.04 -5.64 -29.29
C GLN A 481 -20.90 -4.91 -30.01
N PRO A 482 -20.65 -3.63 -29.66
CA PRO A 482 -19.57 -2.91 -30.33
C PRO A 482 -18.20 -3.55 -30.12
N LEU A 483 -18.05 -4.32 -29.03
CA LEU A 483 -16.78 -4.98 -28.78
C LEU A 483 -16.59 -6.11 -29.80
N TRP A 484 -17.68 -6.76 -30.20
CA TRP A 484 -17.57 -7.85 -31.19
C TRP A 484 -17.22 -7.25 -32.54
N GLU A 485 -17.90 -6.17 -32.89
CA GLU A 485 -17.64 -5.51 -34.16
C GLU A 485 -16.17 -5.09 -34.15
N SER A 486 -15.74 -4.49 -33.04
CA SER A 486 -14.38 -4.04 -32.92
C SER A 486 -13.39 -5.20 -33.05
N ARG A 487 -13.68 -6.31 -32.38
CA ARG A 487 -12.79 -7.47 -32.47
C ARG A 487 -12.70 -7.95 -33.92
N ASP A 488 -13.84 -7.90 -34.62
CA ASP A 488 -13.87 -8.34 -36.01
C ASP A 488 -13.13 -7.39 -36.96
N ARG A 489 -13.24 -6.10 -36.71
CA ARG A 489 -12.56 -5.12 -37.55
C ARG A 489 -11.04 -5.27 -37.39
N TYR A 490 -10.57 -5.39 -36.16
CA TYR A 490 -9.14 -5.53 -35.93
C TYR A 490 -8.61 -6.82 -36.54
N GLU A 491 -9.45 -7.85 -36.63
CA GLU A 491 -9.01 -9.09 -37.23
C GLU A 491 -8.79 -8.88 -38.72
N GLU A 492 -9.67 -8.10 -39.36
CA GLU A 492 -9.51 -7.82 -40.78
C GLU A 492 -8.24 -6.99 -40.96
N LEU A 493 -8.08 -5.94 -40.16
CA LEU A 493 -6.91 -5.07 -40.23
C LEU A 493 -5.64 -5.89 -40.07
N LYS A 494 -5.69 -6.90 -39.21
CA LYS A 494 -4.53 -7.74 -38.97
C LYS A 494 -4.05 -8.45 -40.23
N ARG A 495 -4.99 -9.00 -41.00
CA ARG A 495 -4.64 -9.70 -42.24
C ARG A 495 -3.92 -8.78 -43.22
N ILE A 496 -4.53 -7.63 -43.49
CA ILE A 496 -3.95 -6.67 -44.40
C ILE A 496 -2.60 -6.18 -43.89
N ASP A 497 -2.52 -5.96 -42.58
CA ASP A 497 -1.31 -5.47 -41.94
C ASP A 497 -0.14 -6.47 -41.99
N ASP A 498 -0.43 -7.74 -41.76
CA ASP A 498 0.62 -8.75 -41.79
C ASP A 498 1.14 -8.87 -43.21
N ALA A 499 0.23 -8.78 -44.17
CA ALA A 499 0.58 -8.87 -45.58
C ALA A 499 1.57 -7.79 -45.96
N MET A 500 1.25 -6.56 -45.60
CA MET A 500 2.12 -5.45 -45.92
C MET A 500 3.44 -5.50 -45.19
N LYS A 501 3.44 -6.08 -43.99
CA LYS A 501 4.68 -6.16 -43.24
C LYS A 501 5.57 -7.29 -43.74
N GLU A 502 5.01 -8.14 -44.60
CA GLU A 502 5.77 -9.22 -45.20
C GLU A 502 6.66 -8.65 -46.29
N LEU A 503 6.17 -7.60 -46.96
CA LEU A 503 6.90 -6.93 -48.04
C LEU A 503 8.04 -6.13 -47.44
N GLN A 504 7.77 -5.53 -46.28
CA GLN A 504 8.76 -4.71 -45.60
C GLN A 504 9.94 -5.56 -45.14
N LYS A 505 9.74 -6.88 -45.06
CA LYS A 505 10.80 -7.78 -44.64
C LYS A 505 11.71 -8.13 -45.81
N PRO B 181 46.35 -2.38 25.58
CA PRO B 181 46.10 -1.37 26.63
C PRO B 181 44.64 -1.37 27.11
N THR B 182 43.94 -0.25 26.88
CA THR B 182 42.53 -0.09 27.23
C THR B 182 41.87 0.51 25.99
N TYR B 183 41.24 -0.35 25.20
CA TYR B 183 40.61 0.05 23.94
C TYR B 183 39.32 0.85 24.06
N PRO B 184 39.10 1.78 23.12
CA PRO B 184 37.90 2.61 23.11
C PRO B 184 36.59 1.80 23.22
N LYS B 185 35.50 2.51 23.49
CA LYS B 185 34.20 1.88 23.64
C LYS B 185 33.71 1.18 22.35
N TYR B 186 34.02 1.77 21.20
CA TYR B 186 33.58 1.19 19.93
C TYR B 186 34.29 -0.11 19.54
N LEU B 187 35.21 -0.57 20.39
CA LEU B 187 35.89 -1.83 20.15
C LEU B 187 35.30 -2.77 21.18
N LEU B 188 34.30 -3.55 20.77
CA LEU B 188 33.64 -4.49 21.66
C LEU B 188 34.63 -5.48 22.24
N SER B 189 34.46 -5.83 23.52
CA SER B 189 35.33 -6.79 24.17
C SER B 189 34.83 -8.17 23.81
N PRO B 190 35.65 -9.21 24.02
CA PRO B 190 35.20 -10.56 23.70
C PRO B 190 34.06 -11.06 24.60
N GLU B 191 33.83 -10.39 25.74
CA GLU B 191 32.74 -10.80 26.62
C GLU B 191 31.45 -10.27 25.99
N THR B 192 31.49 -9.00 25.60
CA THR B 192 30.35 -8.36 24.97
C THR B 192 29.96 -9.18 23.75
N ILE B 193 30.92 -9.44 22.87
CA ILE B 193 30.70 -10.20 21.66
C ILE B 193 29.98 -11.52 21.93
N GLU B 194 30.33 -12.15 23.03
CA GLU B 194 29.71 -13.42 23.39
C GLU B 194 28.30 -13.25 23.90
N ALA B 195 28.11 -12.31 24.82
CA ALA B 195 26.80 -12.05 25.42
C ALA B 195 25.77 -11.52 24.43
N LEU B 196 26.27 -10.91 23.36
CA LEU B 196 25.42 -10.34 22.33
C LEU B 196 24.49 -11.35 21.66
N ARG B 197 24.85 -12.63 21.71
CA ARG B 197 24.07 -13.70 21.09
C ARG B 197 22.92 -14.23 21.92
N LYS B 198 22.72 -13.67 23.11
CA LYS B 198 21.66 -14.16 23.98
C LYS B 198 20.66 -13.08 24.31
N PRO B 199 19.37 -13.46 24.43
CA PRO B 199 18.28 -12.53 24.74
C PRO B 199 18.47 -11.80 26.08
N THR B 200 19.41 -12.30 26.88
CA THR B 200 19.69 -11.71 28.18
C THR B 200 20.49 -10.40 28.09
N PHE B 201 21.12 -10.17 26.94
CA PHE B 201 21.92 -8.96 26.73
C PHE B 201 21.23 -7.71 27.28
N ASP B 202 21.97 -6.95 28.09
CA ASP B 202 21.43 -5.73 28.68
C ASP B 202 21.65 -4.56 27.73
N VAL B 203 20.57 -4.21 27.02
CA VAL B 203 20.56 -3.15 26.02
C VAL B 203 20.67 -1.71 26.54
N TRP B 204 20.57 -1.52 27.85
CA TRP B 204 20.66 -0.18 28.42
C TRP B 204 22.10 0.26 28.73
N LEU B 205 23.01 -0.70 28.83
CA LEU B 205 24.41 -0.40 29.15
C LEU B 205 25.24 0.27 28.07
N TRP B 206 24.70 0.40 26.86
CA TRP B 206 25.52 0.96 25.78
C TRP B 206 25.07 2.26 25.15
N GLU B 207 26.05 3.01 24.64
CA GLU B 207 25.79 4.27 23.97
C GLU B 207 25.70 4.01 22.49
N PRO B 208 25.05 4.91 21.74
CA PRO B 208 24.91 4.71 20.29
C PRO B 208 26.13 4.15 19.57
N ASN B 209 27.32 4.66 19.88
CA ASN B 209 28.55 4.21 19.24
C ASN B 209 28.75 2.71 19.43
N GLU B 210 28.61 2.26 20.67
CA GLU B 210 28.78 0.85 20.99
C GLU B 210 27.72 0.01 20.29
N MET B 211 26.47 0.48 20.35
CA MET B 211 25.35 -0.23 19.73
C MET B 211 25.61 -0.39 18.23
N LEU B 212 26.18 0.64 17.61
CA LEU B 212 26.48 0.57 16.19
C LEU B 212 27.56 -0.48 15.89
N SER B 213 28.53 -0.64 16.78
CA SER B 213 29.59 -1.64 16.60
C SER B 213 29.04 -3.04 16.77
N CYS B 214 28.01 -3.17 17.60
CA CYS B 214 27.38 -4.46 17.81
C CYS B 214 26.62 -4.85 16.54
N LEU B 215 25.88 -3.90 15.97
CA LEU B 215 25.12 -4.18 14.76
C LEU B 215 26.11 -4.54 13.64
N GLU B 216 27.21 -3.79 13.57
CA GLU B 216 28.24 -4.05 12.57
C GLU B 216 28.81 -5.46 12.77
N HIS B 217 29.06 -5.83 14.02
CA HIS B 217 29.60 -7.16 14.31
C HIS B 217 28.65 -8.27 13.84
N MET B 218 27.35 -8.06 14.03
CA MET B 218 26.36 -9.04 13.62
C MET B 218 26.46 -9.37 12.14
N TYR B 219 26.60 -8.36 11.29
CA TYR B 219 26.70 -8.62 9.86
C TYR B 219 27.94 -9.43 9.46
N HIS B 220 29.07 -9.16 10.12
CA HIS B 220 30.30 -9.91 9.83
C HIS B 220 30.16 -11.33 10.34
N ASP B 221 29.75 -11.44 11.60
CA ASP B 221 29.57 -12.71 12.28
C ASP B 221 28.57 -13.69 11.62
N LEU B 222 27.45 -13.16 11.12
CA LEU B 222 26.44 -13.98 10.47
C LEU B 222 26.88 -14.37 9.06
N GLY B 223 28.01 -13.83 8.65
CA GLY B 223 28.54 -14.12 7.32
C GLY B 223 27.91 -13.32 6.20
N LEU B 224 27.10 -12.32 6.55
CA LEU B 224 26.43 -11.53 5.53
C LEU B 224 27.40 -10.66 4.75
N VAL B 225 28.37 -10.08 5.43
CA VAL B 225 29.36 -9.23 4.77
C VAL B 225 30.05 -10.09 3.71
N ARG B 226 30.44 -11.28 4.15
CA ARG B 226 31.12 -12.25 3.31
C ARG B 226 30.28 -12.71 2.12
N ASP B 227 29.08 -13.24 2.38
CA ASP B 227 28.27 -13.76 1.29
C ASP B 227 27.59 -12.78 0.34
N PHE B 228 27.63 -11.49 0.66
CA PHE B 228 27.02 -10.52 -0.23
C PHE B 228 28.01 -9.45 -0.64
N SER B 229 29.29 -9.73 -0.36
CA SER B 229 30.37 -8.81 -0.71
C SER B 229 30.06 -7.40 -0.24
N ILE B 230 29.60 -7.29 0.99
CA ILE B 230 29.27 -5.99 1.55
C ILE B 230 30.56 -5.26 1.85
N ASN B 231 30.69 -4.04 1.33
CA ASN B 231 31.87 -3.22 1.57
C ASN B 231 31.85 -2.86 3.05
N PRO B 232 32.78 -3.44 3.83
CA PRO B 232 32.82 -3.15 5.27
C PRO B 232 32.71 -1.69 5.64
N VAL B 233 33.19 -0.79 4.78
CA VAL B 233 33.09 0.61 5.12
C VAL B 233 31.69 1.13 4.81
N THR B 234 31.07 0.61 3.75
CA THR B 234 29.74 1.03 3.39
C THR B 234 28.78 0.64 4.52
N LEU B 235 29.04 -0.53 5.11
CA LEU B 235 28.24 -1.04 6.23
C LEU B 235 28.24 -0.08 7.42
N ARG B 236 29.38 0.51 7.73
CA ARG B 236 29.44 1.45 8.85
C ARG B 236 28.69 2.73 8.53
N ARG B 237 28.82 3.22 7.30
CA ARG B 237 28.15 4.45 6.93
C ARG B 237 26.64 4.22 6.93
N TRP B 238 26.22 3.08 6.38
CA TRP B 238 24.82 2.74 6.32
C TRP B 238 24.23 2.70 7.73
N LEU B 239 24.94 2.06 8.65
CA LEU B 239 24.47 1.96 10.02
C LEU B 239 24.42 3.34 10.70
N PHE B 240 25.34 4.22 10.35
CA PHE B 240 25.34 5.54 10.96
C PHE B 240 24.18 6.37 10.41
N CYS B 241 23.90 6.20 9.13
CA CYS B 241 22.80 6.92 8.50
C CYS B 241 21.46 6.41 9.05
N VAL B 242 21.38 5.10 9.28
CA VAL B 242 20.17 4.51 9.84
C VAL B 242 19.95 5.16 11.21
N HIS B 243 21.03 5.21 11.98
CA HIS B 243 20.99 5.81 13.30
C HIS B 243 20.53 7.27 13.25
N ASP B 244 21.05 8.02 12.29
CA ASP B 244 20.67 9.42 12.16
C ASP B 244 19.18 9.58 11.81
N ASN B 245 18.60 8.56 11.19
CA ASN B 245 17.20 8.66 10.80
C ASN B 245 16.15 8.15 11.77
N TYR B 246 16.57 7.82 12.99
CA TYR B 246 15.64 7.41 14.02
C TYR B 246 15.45 8.66 14.86
N ARG B 247 14.22 8.95 15.27
CA ARG B 247 13.97 10.15 16.05
C ARG B 247 14.19 9.97 17.53
N ASN B 248 14.16 11.08 18.27
CA ASN B 248 14.34 11.05 19.70
C ASN B 248 13.03 10.87 20.44
N ASN B 249 12.40 9.73 20.23
CA ASN B 249 11.14 9.42 20.90
C ASN B 249 11.43 8.62 22.16
N PRO B 250 10.48 8.60 23.11
CA PRO B 250 10.70 7.84 24.34
C PRO B 250 10.78 6.34 24.12
N PHE B 251 10.06 5.83 23.11
CA PHE B 251 10.10 4.41 22.84
C PHE B 251 10.66 4.08 21.46
N HIS B 252 10.01 4.59 20.42
CA HIS B 252 10.45 4.32 19.05
C HIS B 252 11.67 5.13 18.64
N ASN B 253 12.81 4.71 19.20
CA ASN B 253 14.10 5.34 18.98
C ASN B 253 15.15 4.33 18.53
N PHE B 254 16.39 4.78 18.38
CA PHE B 254 17.46 3.91 17.94
C PHE B 254 17.68 2.72 18.87
N ARG B 255 17.57 2.93 20.17
CA ARG B 255 17.76 1.82 21.11
C ARG B 255 16.72 0.71 20.91
N HIS B 256 15.48 1.07 20.56
CA HIS B 256 14.44 0.04 20.33
C HIS B 256 14.86 -0.76 19.10
N CYS B 257 15.35 -0.03 18.09
CA CYS B 257 15.83 -0.61 16.87
C CYS B 257 16.91 -1.65 17.20
N PHE B 258 17.86 -1.25 18.03
CA PHE B 258 18.94 -2.14 18.45
C PHE B 258 18.36 -3.40 19.11
N CYS B 259 17.36 -3.24 19.98
CA CYS B 259 16.74 -4.37 20.65
C CYS B 259 16.15 -5.37 19.67
N VAL B 260 15.38 -4.87 18.72
CA VAL B 260 14.75 -5.74 17.75
C VAL B 260 15.81 -6.53 16.98
N ALA B 261 16.80 -5.82 16.45
CA ALA B 261 17.84 -6.50 15.68
C ALA B 261 18.65 -7.44 16.56
N GLN B 262 18.87 -7.06 17.81
CA GLN B 262 19.64 -7.89 18.72
C GLN B 262 18.86 -9.15 19.10
N MET B 263 17.53 -9.05 19.18
CA MET B 263 16.72 -10.22 19.52
C MET B 263 16.66 -11.14 18.29
N MET B 264 16.65 -10.54 17.11
CA MET B 264 16.60 -11.31 15.87
C MET B 264 17.91 -12.07 15.78
N TYR B 265 18.98 -11.40 16.17
CA TYR B 265 20.31 -11.98 16.16
C TYR B 265 20.36 -13.17 17.13
N SER B 266 19.86 -12.99 18.35
CA SER B 266 19.82 -14.08 19.33
C SER B 266 19.03 -15.26 18.79
N MET B 267 17.90 -14.97 18.14
CA MET B 267 17.07 -16.03 17.61
C MET B 267 17.69 -16.81 16.45
N VAL B 268 18.54 -16.17 15.66
CA VAL B 268 19.19 -16.89 14.58
C VAL B 268 20.03 -17.99 15.23
N TRP B 269 20.67 -17.66 16.34
CA TRP B 269 21.50 -18.61 17.09
C TRP B 269 20.70 -19.63 17.88
N LEU B 270 19.80 -19.16 18.73
CA LEU B 270 18.97 -20.05 19.54
C LEU B 270 18.25 -21.11 18.70
N CYS B 271 17.59 -20.68 17.64
CA CYS B 271 16.84 -21.60 16.79
C CYS B 271 17.66 -22.24 15.68
N SER B 272 18.91 -21.82 15.52
CA SER B 272 19.78 -22.36 14.47
C SER B 272 19.11 -22.07 13.13
N LEU B 273 18.67 -20.83 12.97
CA LEU B 273 17.99 -20.44 11.76
C LEU B 273 18.79 -20.54 10.47
N GLN B 274 20.12 -20.56 10.58
CA GLN B 274 20.94 -20.65 9.39
C GLN B 274 20.90 -22.06 8.79
N GLU B 275 20.32 -22.98 9.56
CA GLU B 275 20.18 -24.36 9.12
C GLU B 275 18.91 -24.49 8.29
N LYS B 276 17.96 -23.59 8.51
CA LYS B 276 16.69 -23.65 7.80
C LYS B 276 16.43 -22.50 6.84
N PHE B 277 17.25 -21.46 6.92
CA PHE B 277 17.11 -20.29 6.06
C PHE B 277 18.35 -20.04 5.21
N SER B 278 18.13 -19.53 4.01
CA SER B 278 19.25 -19.19 3.15
C SER B 278 19.87 -17.93 3.72
N GLN B 279 21.04 -17.55 3.24
CA GLN B 279 21.67 -16.36 3.74
C GLN B 279 20.86 -15.15 3.29
N THR B 280 20.19 -15.29 2.15
CA THR B 280 19.35 -14.22 1.63
C THR B 280 18.25 -13.94 2.65
N ASP B 281 17.64 -14.98 3.18
CA ASP B 281 16.59 -14.77 4.17
C ASP B 281 17.13 -14.18 5.46
N ILE B 282 18.31 -14.62 5.89
CA ILE B 282 18.90 -14.09 7.12
C ILE B 282 19.14 -12.58 6.94
N LEU B 283 19.62 -12.21 5.76
CA LEU B 283 19.89 -10.80 5.45
C LEU B 283 18.59 -10.00 5.51
N ILE B 284 17.54 -10.52 4.89
CA ILE B 284 16.25 -9.84 4.88
C ILE B 284 15.77 -9.66 6.32
N LEU B 285 15.89 -10.72 7.12
CA LEU B 285 15.47 -10.65 8.51
C LEU B 285 16.19 -9.57 9.31
N MET B 286 17.52 -9.57 9.23
CA MET B 286 18.34 -8.60 9.98
C MET B 286 18.17 -7.16 9.52
N THR B 287 18.14 -6.93 8.23
CA THR B 287 18.02 -5.57 7.72
C THR B 287 16.63 -5.01 8.02
N ALA B 288 15.60 -5.83 7.86
CA ALA B 288 14.23 -5.39 8.12
C ALA B 288 14.11 -5.03 9.59
N ALA B 289 14.72 -5.84 10.46
CA ALA B 289 14.67 -5.58 11.90
C ALA B 289 15.28 -4.22 12.25
N ILE B 290 16.40 -3.88 11.63
CA ILE B 290 17.07 -2.61 11.90
C ILE B 290 16.30 -1.42 11.33
N CYS B 291 15.64 -1.64 10.20
CA CYS B 291 14.90 -0.57 9.54
C CYS B 291 13.41 -0.46 9.86
N HIS B 292 12.84 -1.46 10.51
CA HIS B 292 11.40 -1.48 10.75
C HIS B 292 10.71 -0.21 11.32
N ASP B 293 11.41 0.61 12.11
CA ASP B 293 10.79 1.82 12.67
C ASP B 293 11.47 3.13 12.27
N LEU B 294 12.06 3.16 11.09
CA LEU B 294 12.77 4.36 10.66
C LEU B 294 11.90 5.60 10.61
N ASP B 295 12.43 6.67 11.20
CA ASP B 295 11.77 7.97 11.23
C ASP B 295 10.37 7.98 11.85
N HIS B 296 10.15 7.13 12.84
CA HIS B 296 8.88 7.08 13.52
C HIS B 296 8.61 8.45 14.18
N PRO B 297 7.39 9.01 13.97
CA PRO B 297 7.07 10.31 14.56
C PRO B 297 6.72 10.28 16.06
N GLY B 298 6.26 9.14 16.55
CA GLY B 298 5.92 9.05 17.97
C GLY B 298 4.41 9.08 18.19
N TYR B 299 3.65 9.01 17.10
CA TYR B 299 2.19 8.97 17.14
C TYR B 299 1.80 7.87 16.15
N ASN B 300 1.02 6.90 16.64
CA ASN B 300 0.62 5.77 15.80
C ASN B 300 -0.26 6.07 14.59
N ASN B 301 -0.56 5.03 13.81
CA ASN B 301 -1.38 5.18 12.62
C ASN B 301 -2.75 5.78 12.87
N THR B 302 -3.34 5.48 14.03
CA THR B 302 -4.64 5.99 14.34
C THR B 302 -4.61 7.51 14.40
N TYR B 303 -3.53 8.04 14.95
CA TYR B 303 -3.39 9.48 15.02
C TYR B 303 -3.16 10.06 13.63
N GLN B 304 -2.33 9.39 12.83
CA GLN B 304 -2.05 9.86 11.48
C GLN B 304 -3.34 9.92 10.68
N ILE B 305 -4.14 8.87 10.80
CA ILE B 305 -5.38 8.81 10.07
C ILE B 305 -6.43 9.82 10.56
N ASN B 306 -6.67 9.88 11.87
CA ASN B 306 -7.67 10.80 12.39
C ASN B 306 -7.27 12.27 12.21
N ALA B 307 -6.00 12.57 12.34
CA ALA B 307 -5.55 13.95 12.17
C ALA B 307 -5.33 14.27 10.70
N ARG B 308 -5.53 13.28 9.84
CA ARG B 308 -5.34 13.45 8.39
C ARG B 308 -3.99 14.09 8.09
N THR B 309 -2.93 13.50 8.62
CA THR B 309 -1.57 13.99 8.41
C THR B 309 -1.09 13.75 6.97
N GLU B 310 0.04 14.35 6.64
CA GLU B 310 0.61 14.18 5.31
C GLU B 310 0.91 12.71 5.03
N LEU B 311 1.31 11.97 6.05
CA LEU B 311 1.59 10.55 5.87
C LEU B 311 0.30 9.81 5.55
N ALA B 312 -0.74 10.06 6.34
CA ALA B 312 -2.03 9.41 6.11
C ALA B 312 -2.56 9.75 4.72
N VAL B 313 -2.38 10.99 4.30
CA VAL B 313 -2.85 11.39 2.98
C VAL B 313 -1.97 10.76 1.90
N ARG B 314 -0.67 10.66 2.16
CA ARG B 314 0.26 10.07 1.22
C ARG B 314 0.05 8.57 1.03
N TYR B 315 -0.26 7.87 2.12
CA TYR B 315 -0.46 6.44 2.02
C TYR B 315 -1.90 5.96 2.00
N ASN B 316 -2.82 6.90 1.79
CA ASN B 316 -4.25 6.60 1.70
C ASN B 316 -4.77 5.75 2.87
N ASP B 317 -4.35 6.11 4.07
CA ASP B 317 -4.76 5.40 5.30
C ASP B 317 -4.30 3.96 5.43
N ILE B 318 -3.51 3.48 4.48
CA ILE B 318 -3.00 2.11 4.54
C ILE B 318 -1.65 2.05 5.22
N SER B 319 -1.62 1.58 6.46
CA SER B 319 -0.39 1.46 7.28
C SER B 319 0.58 2.56 6.94
N PRO B 320 0.15 3.82 7.11
CA PRO B 320 1.05 4.93 6.79
C PRO B 320 2.43 4.88 7.44
N LEU B 321 2.49 4.53 8.72
CA LEU B 321 3.78 4.46 9.41
C LEU B 321 4.72 3.41 8.84
N GLU B 322 4.25 2.17 8.73
CA GLU B 322 5.08 1.10 8.22
C GLU B 322 5.51 1.35 6.77
N ASN B 323 4.63 1.91 5.96
CA ASN B 323 4.97 2.21 4.58
C ASN B 323 6.10 3.23 4.57
N HIS B 324 6.02 4.19 5.48
CA HIS B 324 7.03 5.23 5.58
C HIS B 324 8.37 4.70 6.06
N HIS B 325 8.35 3.82 7.05
CA HIS B 325 9.61 3.26 7.57
C HIS B 325 10.36 2.58 6.44
N CYS B 326 9.62 1.77 5.69
CA CYS B 326 10.16 1.01 4.59
C CYS B 326 10.67 1.94 3.48
N ALA B 327 9.96 3.04 3.21
CA ALA B 327 10.38 3.96 2.18
C ALA B 327 11.67 4.70 2.57
N VAL B 328 11.77 5.08 3.83
CA VAL B 328 12.95 5.77 4.31
C VAL B 328 14.13 4.79 4.27
N ALA B 329 13.87 3.52 4.54
CA ALA B 329 14.92 2.50 4.52
C ALA B 329 15.55 2.38 3.15
N PHE B 330 14.72 2.47 2.11
CA PHE B 330 15.25 2.33 0.78
C PHE B 330 15.78 3.61 0.19
N GLN B 331 15.43 4.73 0.80
CA GLN B 331 15.94 6.00 0.35
C GLN B 331 17.37 6.06 0.87
N ILE B 332 17.58 5.53 2.06
CA ILE B 332 18.92 5.48 2.65
C ILE B 332 19.78 4.57 1.78
N LEU B 333 19.25 3.38 1.51
CA LEU B 333 19.95 2.40 0.69
C LEU B 333 20.20 2.86 -0.75
N ALA B 334 19.44 3.85 -1.20
CA ALA B 334 19.62 4.36 -2.56
C ALA B 334 20.82 5.32 -2.58
N GLU B 335 21.27 5.75 -1.40
CA GLU B 335 22.44 6.62 -1.33
C GLU B 335 23.65 5.72 -1.54
N PRO B 336 24.40 5.92 -2.65
CA PRO B 336 25.58 5.11 -2.97
C PRO B 336 26.52 4.84 -1.79
N GLU B 337 26.86 5.88 -1.03
CA GLU B 337 27.75 5.73 0.11
C GLU B 337 27.15 4.86 1.22
N CYS B 338 25.84 4.60 1.16
CA CYS B 338 25.18 3.80 2.18
C CYS B 338 24.64 2.50 1.63
N ASN B 339 24.80 2.28 0.33
CA ASN B 339 24.26 1.09 -0.28
C ASN B 339 25.02 -0.20 0.07
N ILE B 340 24.65 -0.83 1.18
CA ILE B 340 25.30 -2.06 1.58
C ILE B 340 24.99 -3.19 0.60
N PHE B 341 24.03 -2.95 -0.30
CA PHE B 341 23.66 -3.97 -1.28
C PHE B 341 24.31 -3.70 -2.64
N SER B 342 25.24 -2.75 -2.68
CA SER B 342 25.91 -2.38 -3.92
C SER B 342 26.47 -3.52 -4.77
N ASN B 343 26.95 -4.59 -4.14
CA ASN B 343 27.51 -5.70 -4.90
C ASN B 343 26.61 -6.91 -5.05
N ILE B 344 25.30 -6.70 -5.05
CA ILE B 344 24.39 -7.80 -5.22
C ILE B 344 23.73 -7.64 -6.59
N PRO B 345 23.72 -8.70 -7.40
CA PRO B 345 23.11 -8.58 -8.73
C PRO B 345 21.63 -8.18 -8.61
N PRO B 346 21.11 -7.43 -9.59
CA PRO B 346 19.72 -6.97 -9.57
C PRO B 346 18.65 -8.01 -9.23
N ASP B 347 18.82 -9.25 -9.65
CA ASP B 347 17.81 -10.26 -9.35
C ASP B 347 17.79 -10.58 -7.86
N GLY B 348 18.93 -10.39 -7.19
CA GLY B 348 19.01 -10.64 -5.76
C GLY B 348 18.47 -9.43 -5.00
N PHE B 349 18.69 -8.25 -5.56
CA PHE B 349 18.21 -7.03 -4.94
C PHE B 349 16.70 -7.09 -4.85
N LYS B 350 16.06 -7.35 -5.99
CA LYS B 350 14.61 -7.44 -6.06
C LYS B 350 14.07 -8.40 -5.00
N GLN B 351 14.70 -9.56 -4.88
CA GLN B 351 14.27 -10.56 -3.91
C GLN B 351 14.39 -10.06 -2.48
N ILE B 352 15.47 -9.36 -2.18
CA ILE B 352 15.71 -8.82 -0.84
C ILE B 352 14.74 -7.69 -0.52
N ARG B 353 14.58 -6.77 -1.46
CA ARG B 353 13.69 -5.64 -1.28
C ARG B 353 12.26 -6.11 -1.02
N GLN B 354 11.76 -7.02 -1.84
CA GLN B 354 10.41 -7.53 -1.68
C GLN B 354 10.27 -8.19 -0.31
N GLY B 355 11.33 -8.85 0.14
CA GLY B 355 11.30 -9.50 1.43
C GLY B 355 11.25 -8.51 2.58
N MET B 356 12.02 -7.43 2.48
CA MET B 356 12.05 -6.44 3.53
C MET B 356 10.72 -5.69 3.63
N ILE B 357 10.23 -5.24 2.49
CA ILE B 357 8.96 -4.53 2.47
C ILE B 357 7.89 -5.38 3.17
N THR B 358 7.82 -6.66 2.80
CA THR B 358 6.84 -7.56 3.39
C THR B 358 6.98 -7.67 4.90
N LEU B 359 8.21 -7.77 5.38
CA LEU B 359 8.42 -7.90 6.81
C LEU B 359 8.15 -6.61 7.57
N ILE B 360 8.59 -5.48 7.03
CA ILE B 360 8.36 -4.21 7.71
C ILE B 360 6.88 -3.89 7.76
N LEU B 361 6.14 -4.18 6.68
CA LEU B 361 4.72 -3.89 6.67
C LEU B 361 3.97 -4.83 7.60
N ALA B 362 4.58 -5.97 7.90
CA ALA B 362 3.98 -6.98 8.77
C ALA B 362 4.03 -6.60 10.26
N THR B 363 4.72 -5.51 10.58
CA THR B 363 4.83 -5.08 11.96
C THR B 363 3.73 -4.13 12.41
N ASP B 364 2.79 -3.80 11.52
CA ASP B 364 1.68 -2.93 11.89
C ASP B 364 0.74 -3.81 12.71
N MET B 365 0.58 -3.52 14.00
CA MET B 365 -0.26 -4.33 14.86
C MET B 365 -1.72 -4.49 14.40
N ALA B 366 -2.18 -3.59 13.55
CA ALA B 366 -3.54 -3.67 13.04
C ALA B 366 -3.73 -4.98 12.26
N ARG B 367 -2.62 -5.62 11.90
CA ARG B 367 -2.69 -6.86 11.13
C ARG B 367 -2.32 -8.10 11.95
N HIS B 368 -2.14 -7.92 13.25
CA HIS B 368 -1.74 -9.01 14.11
C HIS B 368 -2.58 -10.28 14.02
N ALA B 369 -3.88 -10.14 14.21
CA ALA B 369 -4.77 -11.29 14.17
C ALA B 369 -4.71 -11.94 12.80
N GLU B 370 -4.76 -11.11 11.77
CA GLU B 370 -4.69 -11.58 10.38
C GLU B 370 -3.45 -12.44 10.16
N ILE B 371 -2.27 -11.90 10.45
CA ILE B 371 -1.03 -12.63 10.25
C ILE B 371 -0.98 -13.89 11.12
N MET B 372 -1.34 -13.76 12.39
CA MET B 372 -1.32 -14.93 13.27
C MET B 372 -2.20 -16.07 12.75
N ASP B 373 -3.37 -15.74 12.21
CA ASP B 373 -4.26 -16.76 11.65
C ASP B 373 -3.64 -17.48 10.47
N SER B 374 -3.10 -16.70 9.53
CA SER B 374 -2.46 -17.26 8.34
C SER B 374 -1.32 -18.18 8.73
N PHE B 375 -0.58 -17.79 9.77
CA PHE B 375 0.53 -18.60 10.21
C PHE B 375 0.04 -19.91 10.81
N LYS B 376 -0.88 -19.80 11.77
CA LYS B 376 -1.42 -20.98 12.43
C LYS B 376 -2.04 -21.96 11.42
N GLU B 377 -2.52 -21.42 10.32
CA GLU B 377 -3.13 -22.23 9.28
C GLU B 377 -2.05 -23.11 8.65
N LYS B 378 -0.98 -22.47 8.20
CA LYS B 378 0.14 -23.18 7.58
C LYS B 378 0.82 -24.05 8.62
N MET B 379 0.82 -23.59 9.86
CA MET B 379 1.46 -24.28 10.96
C MET B 379 0.94 -25.70 11.18
N GLU B 380 -0.32 -25.94 10.81
CA GLU B 380 -0.90 -27.27 10.97
C GLU B 380 0.00 -28.33 10.31
N ASN B 381 0.52 -28.01 9.14
CA ASN B 381 1.39 -28.93 8.43
C ASN B 381 2.47 -28.12 7.71
N PHE B 382 3.33 -27.49 8.51
CA PHE B 382 4.40 -26.65 8.00
C PHE B 382 5.34 -27.34 7.03
N ASP B 383 5.70 -26.61 5.98
CA ASP B 383 6.58 -27.10 4.94
C ASP B 383 7.69 -26.06 4.70
N TYR B 384 8.93 -26.37 5.10
CA TYR B 384 10.03 -25.44 4.90
C TYR B 384 10.40 -25.27 3.43
N SER B 385 9.72 -25.99 2.55
CA SER B 385 9.98 -25.91 1.11
C SER B 385 8.99 -24.94 0.47
N ASN B 386 7.89 -24.69 1.18
CA ASN B 386 6.84 -23.81 0.70
C ASN B 386 7.23 -22.36 0.95
N GLU B 387 7.40 -21.61 -0.14
CA GLU B 387 7.80 -20.21 -0.05
C GLU B 387 6.80 -19.39 0.76
N GLU B 388 5.50 -19.69 0.64
CA GLU B 388 4.47 -18.96 1.38
C GLU B 388 4.54 -19.32 2.85
N HIS B 389 5.01 -20.52 3.15
CA HIS B 389 5.14 -20.95 4.54
C HIS B 389 6.29 -20.17 5.18
N MET B 390 7.40 -20.08 4.46
CA MET B 390 8.59 -19.39 4.93
C MET B 390 8.36 -17.89 5.10
N THR B 391 7.59 -17.30 4.18
CA THR B 391 7.29 -15.88 4.24
C THR B 391 6.51 -15.61 5.52
N LEU B 392 5.48 -16.40 5.78
CA LEU B 392 4.69 -16.20 7.00
C LEU B 392 5.58 -16.34 8.21
N LEU B 393 6.41 -17.39 8.24
CA LEU B 393 7.33 -17.61 9.35
C LEU B 393 8.24 -16.39 9.60
N LYS B 394 8.82 -15.84 8.53
CA LYS B 394 9.68 -14.69 8.66
C LYS B 394 8.89 -13.51 9.21
N MET B 395 7.64 -13.36 8.79
CA MET B 395 6.77 -12.29 9.30
C MET B 395 6.55 -12.47 10.79
N ILE B 396 6.32 -13.70 11.22
CA ILE B 396 6.11 -13.98 12.62
C ILE B 396 7.38 -13.68 13.42
N LEU B 397 8.52 -14.07 12.87
CA LEU B 397 9.80 -13.83 13.56
C LEU B 397 10.09 -12.35 13.77
N ILE B 398 9.80 -11.50 12.79
CA ILE B 398 10.08 -10.10 13.01
C ILE B 398 9.06 -9.50 13.98
N LYS B 399 7.84 -10.00 13.94
CA LYS B 399 6.80 -9.53 14.87
C LYS B 399 7.24 -9.89 16.29
N CYS B 400 7.77 -11.10 16.46
CA CYS B 400 8.26 -11.52 17.77
C CYS B 400 9.33 -10.58 18.29
N CYS B 401 10.34 -10.33 17.47
CA CYS B 401 11.43 -9.46 17.88
C CYS B 401 10.96 -8.04 18.17
N ASP B 402 10.04 -7.55 17.35
CA ASP B 402 9.52 -6.19 17.52
C ASP B 402 8.86 -5.98 18.89
N ILE B 403 8.08 -6.95 19.35
CA ILE B 403 7.44 -6.82 20.65
C ILE B 403 8.06 -7.81 21.63
N SER B 404 9.37 -8.00 21.53
CA SER B 404 10.06 -8.96 22.39
C SER B 404 10.64 -8.40 23.68
N ASN B 405 10.32 -7.17 24.03
CA ASN B 405 10.86 -6.59 25.24
C ASN B 405 10.60 -7.38 26.50
N GLU B 406 9.40 -7.90 26.68
CA GLU B 406 9.10 -8.66 27.88
C GLU B 406 9.81 -10.01 27.98
N VAL B 407 10.50 -10.41 26.91
CA VAL B 407 11.24 -11.66 26.88
C VAL B 407 12.58 -11.47 27.59
N ARG B 408 12.98 -10.20 27.69
CA ARG B 408 14.24 -9.85 28.35
C ARG B 408 14.09 -9.89 29.87
N PRO B 409 15.22 -9.92 30.60
CA PRO B 409 15.20 -9.95 32.07
C PRO B 409 14.38 -8.79 32.64
N MET B 410 13.66 -9.07 33.71
CA MET B 410 12.79 -8.08 34.35
C MET B 410 13.37 -6.66 34.44
N GLU B 411 14.64 -6.55 34.86
CA GLU B 411 15.28 -5.25 34.99
C GLU B 411 15.50 -4.55 33.65
N VAL B 412 15.70 -5.35 32.61
CA VAL B 412 15.92 -4.83 31.26
C VAL B 412 14.58 -4.49 30.59
N ALA B 413 13.56 -5.30 30.89
CA ALA B 413 12.24 -5.13 30.31
C ALA B 413 11.36 -4.01 30.86
N GLU B 414 11.23 -3.90 32.17
CA GLU B 414 10.35 -2.89 32.75
C GLU B 414 10.49 -1.46 32.27
N PRO B 415 11.72 -0.91 32.25
CA PRO B 415 11.83 0.46 31.78
C PRO B 415 11.19 0.75 30.41
N TRP B 416 11.21 -0.23 29.51
CA TRP B 416 10.62 -0.07 28.18
C TRP B 416 9.12 0.19 28.23
N VAL B 417 8.43 -0.47 29.16
CA VAL B 417 6.99 -0.30 29.28
C VAL B 417 6.68 1.14 29.63
N ASP B 418 7.52 1.75 30.47
CA ASP B 418 7.31 3.14 30.85
C ASP B 418 7.55 4.08 29.67
N CYS B 419 8.56 3.76 28.86
CA CYS B 419 8.88 4.56 27.70
C CYS B 419 7.69 4.52 26.75
N LEU B 420 7.18 3.32 26.50
CA LEU B 420 6.05 3.15 25.62
C LEU B 420 4.82 3.95 26.10
N LEU B 421 4.50 3.82 27.39
CA LEU B 421 3.36 4.56 27.93
C LEU B 421 3.59 6.05 27.77
N GLU B 422 4.81 6.49 28.04
CA GLU B 422 5.14 7.91 27.93
C GLU B 422 4.78 8.40 26.53
N GLU B 423 5.04 7.56 25.53
CA GLU B 423 4.74 7.92 24.16
C GLU B 423 3.23 7.91 23.93
N TYR B 424 2.54 6.87 24.41
CA TYR B 424 1.09 6.79 24.24
C TYR B 424 0.40 7.97 24.90
N PHE B 425 0.79 8.28 26.13
CA PHE B 425 0.17 9.39 26.86
C PHE B 425 0.34 10.71 26.12
N MET B 426 1.52 10.92 25.56
CA MET B 426 1.80 12.13 24.82
C MET B 426 0.83 12.27 23.63
N GLN B 427 0.50 11.13 23.03
CA GLN B 427 -0.41 11.12 21.90
C GLN B 427 -1.83 11.44 22.34
N SER B 428 -2.32 10.72 23.34
CA SER B 428 -3.67 10.92 23.87
C SER B 428 -3.84 12.36 24.35
N ASP B 429 -2.82 12.87 25.03
CA ASP B 429 -2.88 14.25 25.52
C ASP B 429 -3.07 15.17 24.33
N ARG B 430 -2.35 14.89 23.25
CA ARG B 430 -2.43 15.70 22.06
C ARG B 430 -3.78 15.52 21.38
N GLU B 431 -4.30 14.29 21.39
CA GLU B 431 -5.58 14.01 20.77
C GLU B 431 -6.69 14.72 21.55
N LYS B 432 -6.54 14.79 22.87
CA LYS B 432 -7.52 15.46 23.71
C LYS B 432 -7.53 16.93 23.35
N SER B 433 -6.33 17.51 23.28
CA SER B 433 -6.19 18.92 22.94
C SER B 433 -6.73 19.28 21.55
N GLU B 434 -6.36 18.52 20.53
CA GLU B 434 -6.83 18.83 19.18
C GLU B 434 -8.27 18.40 18.94
N GLY B 435 -8.88 17.75 19.94
CA GLY B 435 -10.26 17.32 19.81
C GLY B 435 -10.44 16.07 18.95
N LEU B 436 -9.45 15.20 18.95
CA LEU B 436 -9.54 13.96 18.17
C LEU B 436 -9.91 12.83 19.11
N PRO B 437 -10.43 11.72 18.57
CA PRO B 437 -10.82 10.59 19.42
C PRO B 437 -9.62 10.03 20.18
N VAL B 438 -9.86 9.63 21.43
CA VAL B 438 -8.80 9.07 22.26
C VAL B 438 -9.06 7.60 22.51
N ALA B 439 -8.01 6.79 22.35
CA ALA B 439 -8.11 5.36 22.57
C ALA B 439 -7.90 5.09 24.05
N PRO B 440 -8.84 4.36 24.68
CA PRO B 440 -8.77 4.03 26.10
C PRO B 440 -7.43 3.49 26.58
N PHE B 441 -6.84 2.56 25.84
CA PHE B 441 -5.57 2.00 26.27
C PHE B 441 -4.42 3.00 26.23
N MET B 442 -4.66 4.18 25.68
CA MET B 442 -3.62 5.21 25.62
C MET B 442 -3.97 6.42 26.49
N ASP B 443 -5.09 6.34 27.20
CA ASP B 443 -5.56 7.44 28.04
C ASP B 443 -4.95 7.37 29.45
N ARG B 444 -4.34 8.47 29.88
CA ARG B 444 -3.73 8.54 31.22
C ARG B 444 -4.75 8.15 32.28
N ASP B 445 -5.90 8.79 32.22
CA ASP B 445 -6.97 8.58 33.19
C ASP B 445 -7.68 7.25 33.04
N LYS B 446 -7.01 6.25 32.46
CA LYS B 446 -7.67 4.96 32.31
C LYS B 446 -6.76 3.77 32.38
N VAL B 447 -5.50 3.94 31.99
CA VAL B 447 -4.58 2.82 32.02
C VAL B 447 -3.73 2.70 33.26
N THR B 448 -3.66 1.48 33.77
CA THR B 448 -2.84 1.16 34.93
C THR B 448 -1.83 0.16 34.37
N LYS B 449 -0.56 0.56 34.37
CA LYS B 449 0.52 -0.26 33.83
C LYS B 449 0.43 -1.78 33.99
N ALA B 450 0.29 -2.23 35.23
CA ALA B 450 0.21 -3.67 35.50
C ALA B 450 -0.95 -4.37 34.81
N THR B 451 -2.16 -3.87 34.98
CA THR B 451 -3.34 -4.47 34.36
C THR B 451 -3.15 -4.61 32.85
N ALA B 452 -2.76 -3.52 32.21
CA ALA B 452 -2.55 -3.51 30.76
C ALA B 452 -1.53 -4.56 30.30
N GLU B 453 -0.35 -4.57 30.92
CA GLU B 453 0.68 -5.54 30.58
C GLU B 453 0.22 -6.97 30.69
N ILE B 454 -0.57 -7.27 31.71
CA ILE B 454 -1.08 -8.62 31.90
C ILE B 454 -1.85 -9.10 30.67
N GLY B 455 -2.73 -8.25 30.16
CA GLY B 455 -3.51 -8.60 28.99
C GLY B 455 -2.63 -8.81 27.76
N PHE B 456 -1.68 -7.90 27.58
CA PHE B 456 -0.78 -7.96 26.45
C PHE B 456 0.06 -9.24 26.46
N ILE B 457 0.70 -9.52 27.59
CA ILE B 457 1.52 -10.71 27.72
C ILE B 457 0.68 -11.98 27.54
N LYS B 458 -0.42 -12.05 28.28
CA LYS B 458 -1.31 -13.21 28.25
C LYS B 458 -2.00 -13.47 26.92
N PHE B 459 -2.53 -12.43 26.28
CA PHE B 459 -3.23 -12.64 25.02
C PHE B 459 -2.50 -12.28 23.72
N VAL B 460 -1.33 -11.68 23.80
CA VAL B 460 -0.63 -11.36 22.57
C VAL B 460 0.73 -12.02 22.51
N LEU B 461 1.57 -11.76 23.50
CA LEU B 461 2.91 -12.34 23.53
C LEU B 461 2.97 -13.85 23.68
N ILE B 462 2.49 -14.37 24.80
CA ILE B 462 2.51 -15.82 25.04
C ILE B 462 1.93 -16.66 23.89
N PRO B 463 0.72 -16.32 23.41
CA PRO B 463 0.13 -17.10 22.32
C PRO B 463 1.02 -17.13 21.08
N MET B 464 1.58 -15.98 20.71
CA MET B 464 2.45 -15.89 19.54
C MET B 464 3.70 -16.75 19.69
N PHE B 465 4.38 -16.65 20.83
CA PHE B 465 5.58 -17.45 21.04
C PHE B 465 5.31 -18.94 21.16
N GLU B 466 4.10 -19.30 21.59
CA GLU B 466 3.74 -20.71 21.71
C GLU B 466 3.69 -21.36 20.33
N THR B 467 3.19 -20.61 19.34
CA THR B 467 3.09 -21.12 17.98
C THR B 467 4.48 -21.32 17.38
N VAL B 468 5.41 -20.43 17.73
CA VAL B 468 6.78 -20.52 17.22
C VAL B 468 7.50 -21.71 17.84
N THR B 469 7.14 -22.04 19.09
CA THR B 469 7.74 -23.14 19.83
C THR B 469 7.50 -24.49 19.16
N LYS B 470 6.40 -24.62 18.45
CA LYS B 470 6.09 -25.87 17.77
C LYS B 470 7.18 -26.18 16.74
N LEU B 471 7.76 -25.15 16.14
CA LEU B 471 8.82 -25.32 15.15
C LEU B 471 10.20 -25.31 15.79
N PHE B 472 10.37 -24.50 16.83
CA PHE B 472 11.65 -24.39 17.53
C PHE B 472 11.40 -24.54 19.03
N PRO B 473 11.31 -25.79 19.50
CA PRO B 473 11.07 -26.15 20.90
C PRO B 473 11.97 -25.48 21.94
N MET B 474 13.19 -25.13 21.54
CA MET B 474 14.12 -24.48 22.46
C MET B 474 13.64 -23.09 22.87
N VAL B 475 12.61 -22.60 22.19
CA VAL B 475 12.04 -21.30 22.47
C VAL B 475 11.30 -21.27 23.80
N GLU B 476 10.69 -22.39 24.16
CA GLU B 476 9.93 -22.46 25.41
C GLU B 476 10.80 -22.07 26.60
N GLU B 477 11.91 -22.77 26.75
CA GLU B 477 12.84 -22.54 27.84
C GLU B 477 13.49 -21.16 27.80
N ILE B 478 13.97 -20.77 26.63
CA ILE B 478 14.66 -19.49 26.46
C ILE B 478 13.79 -18.24 26.39
N MET B 479 12.60 -18.34 25.82
CA MET B 479 11.73 -17.17 25.69
C MET B 479 10.35 -17.27 26.34
N LEU B 480 9.74 -18.44 26.32
CA LEU B 480 8.42 -18.58 26.93
C LEU B 480 8.53 -18.49 28.43
N GLN B 481 9.60 -19.07 28.98
CA GLN B 481 9.83 -19.05 30.42
C GLN B 481 9.78 -17.63 30.98
N PRO B 482 10.62 -16.72 30.46
CA PRO B 482 10.60 -15.35 30.98
C PRO B 482 9.25 -14.64 30.81
N LEU B 483 8.52 -15.00 29.75
CA LEU B 483 7.20 -14.41 29.51
C LEU B 483 6.24 -14.83 30.61
N TRP B 484 6.33 -16.10 31.03
CA TRP B 484 5.46 -16.59 32.10
C TRP B 484 5.79 -15.88 33.40
N GLU B 485 7.08 -15.77 33.69
CA GLU B 485 7.52 -15.10 34.90
C GLU B 485 7.05 -13.64 34.90
N SER B 486 7.06 -13.02 33.73
CA SER B 486 6.64 -11.64 33.62
C SER B 486 5.14 -11.54 33.87
N ARG B 487 4.40 -12.49 33.32
CA ARG B 487 2.95 -12.52 33.50
C ARG B 487 2.64 -12.64 34.98
N ASP B 488 3.31 -13.58 35.64
CA ASP B 488 3.09 -13.80 37.07
C ASP B 488 3.43 -12.56 37.88
N ARG B 489 4.62 -12.02 37.65
CA ARG B 489 5.06 -10.81 38.35
C ARG B 489 4.05 -9.69 38.22
N TYR B 490 3.55 -9.46 37.02
CA TYR B 490 2.59 -8.39 36.81
C TYR B 490 1.21 -8.75 37.36
N GLU B 491 0.86 -10.02 37.36
CA GLU B 491 -0.43 -10.40 37.90
C GLU B 491 -0.41 -10.14 39.40
N GLU B 492 0.71 -10.46 40.05
CA GLU B 492 0.86 -10.21 41.48
C GLU B 492 0.82 -8.71 41.71
N LEU B 493 1.58 -7.99 40.90
CA LEU B 493 1.66 -6.53 41.01
C LEU B 493 0.28 -5.89 40.97
N LYS B 494 -0.64 -6.49 40.19
CA LYS B 494 -1.99 -5.96 40.10
C LYS B 494 -2.74 -6.20 41.40
N ARG B 495 -2.60 -7.39 41.96
CA ARG B 495 -3.26 -7.72 43.22
C ARG B 495 -2.85 -6.69 44.25
N ILE B 496 -1.54 -6.45 44.34
CA ILE B 496 -1.01 -5.48 45.27
C ILE B 496 -1.63 -4.11 45.00
N ASP B 497 -1.83 -3.82 43.72
CA ASP B 497 -2.40 -2.55 43.32
C ASP B 497 -3.89 -2.46 43.72
N ASP B 498 -4.64 -3.51 43.42
CA ASP B 498 -6.08 -3.53 43.74
C ASP B 498 -6.31 -3.36 45.24
N ALA B 499 -5.57 -4.11 46.04
CA ALA B 499 -5.66 -4.06 47.49
C ALA B 499 -5.37 -2.63 47.96
N MET B 500 -4.34 -2.04 47.37
CA MET B 500 -3.93 -0.69 47.71
C MET B 500 -5.02 0.33 47.39
N LYS B 501 -5.66 0.19 46.23
CA LYS B 501 -6.73 1.11 45.85
C LYS B 501 -7.98 0.80 46.65
N GLU B 502 -8.24 -0.48 46.86
CA GLU B 502 -9.40 -0.92 47.63
C GLU B 502 -9.31 -0.32 49.03
N LEU B 503 -8.09 -0.11 49.50
CA LEU B 503 -7.87 0.44 50.83
C LEU B 503 -8.02 1.96 50.88
N GLN B 504 -7.76 2.63 49.76
CA GLN B 504 -7.87 4.08 49.69
C GLN B 504 -9.29 4.57 49.53
N LYS B 505 -10.25 3.66 49.66
CA LYS B 505 -11.65 4.01 49.52
C LYS B 505 -12.50 3.17 50.48
#